data_5VU7
#
_entry.id   5VU7
#
_cell.length_a   66.550
_cell.length_b   112.610
_cell.length_c   145.460
_cell.angle_alpha   90.00
_cell.angle_beta   90.00
_cell.angle_gamma   90.00
#
_symmetry.space_group_name_H-M   'P 2 21 21'
#
loop_
_entity.id
_entity.type
_entity.pdbx_description
1 polymer 'DNA polymerase'
2 polymer 'DNA template'
3 polymer 'DNA/TNA hybrid primer'
4 non-polymer 'MAGNESIUM ION'
5 non-polymer 'SULFATE ION'
6 non-polymer '5-(6-AMINO-9H-PURIN-9-YL)-4-HYDROXYTETRAHYDROFURAN-3-YL DIHYDROGEN PHOSPHATE'
#
loop_
_entity_poly.entity_id
_entity_poly.type
_entity_poly.pdbx_seq_one_letter_code
_entity_poly.pdbx_strand_id
1 'polypeptide(L)'
;MILDTDYITEDGKPVIRIFKKENGEFKIEYDRTFEPYFYALLKDDSAIEEVKKITAERHGTVVTVKRVEKVQKKFLGRPV
EVWKLYFTHPQDVPAIRDKIREHPAVIDIYEYDIPFAKRYLIDKGLVPMEGDEELKMLAFAIATLYHEGEEFAEGPILMI
SYADEEGARVITWKNVDLPYVDVVSTEREMIKRFLRVVKEKDPDVLITYNGDNFDFAYLKKRCEKLGINFALGRDGSEPK
IQRMGDRFAVEVKGRIHFDLYPVIRRTINLPTYTLEAVYEAVFGQPKEKVYAEEITTAWETGENLERVARYSMEDAKVTY
ELGKEFLPMEAQLSRLIGQSLWDVSRSSTGNLVEWFLLRKAYERNELAPNKPDEKELARRRQSYEGGYVKEPERGLWENI
VYLDFRSLYPSIIITHNVSPDTLNREGCKEYDVAPQVGHRFCKDFPGFIPSLLGDLLEERQKIKKKMKATIDPIERKLLD
YRQRRIKILANSYYGYYGYARARWYCKECAESVTAWGREYITMTIKEIEEKYGFKVIYSDTDGFFATIPGADAETVKKKA
MEFLKYINAKLPGALELEYEGFYKRGFFVTKKKYAVIDEEGKITTRGLEIVRRDWSEIAKETQARVLEALLKDGDVEKAV
RIVKEVTEKLSKYEVPPEKLVIHIQITRDLKDYKATGPHVAVAKRLAARGVKIRPGTVISYIVLKGSGRIGDRAIPFDEF
DPTKHKYDAEYYIENQVLPAVERILRAFGYRKEDLRYQKTRQVGLSAWLKPKGT
;
A
2 'polydeoxyribonucleotide' (DA)(DA)(DA)(DT)(DT)(DC)(DG)(DC)(DA)(DG)(DT)(DT)(DC)(DG)(DC)(DG) T
3 'polydeoxyribonucleotide' (DC)(DG)(DC)(DG)(DA)(DA)(DC)(DT)(DG)(DC)(DG)(9O4) P
#
loop_
_chem_comp.id
_chem_comp.type
_chem_comp.name
_chem_comp.formula
9O4 DNA linking '(3R,5R)-5-(6-amino-9H-purin-9-yl)oxolan-3-yl dihydrogen phosphate' 'C9 H12 N5 O5 P'
DA DNA linking 2'-DEOXYADENOSINE-5'-MONOPHOSPHATE 'C10 H14 N5 O6 P'
DC DNA linking 2'-DEOXYCYTIDINE-5'-MONOPHOSPHATE 'C9 H14 N3 O7 P'
DG DNA linking 2'-DEOXYGUANOSINE-5'-MONOPHOSPHATE 'C10 H14 N5 O7 P'
DT DNA linking THYMIDINE-5'-MONOPHOSPHATE 'C10 H15 N2 O8 P'
FA2 RNA linking '5-(6-AMINO-9H-PURIN-9-YL)-4-HYDROXYTETRAHYDROFURAN-3-YL DIHYDROGEN PHOSPHATE' 'C9 H12 N5 O6 P'
MG non-polymer 'MAGNESIUM ION' 'Mg 2'
SO4 non-polymer 'SULFATE ION' 'O4 S -2'
#
# COMPACT_ATOMS: atom_id res chain seq x y z
N MET A 1 -5.70 -10.58 24.15
CA MET A 1 -5.27 -10.05 22.87
C MET A 1 -4.88 -8.57 22.96
N ILE A 2 -3.64 -8.27 22.58
CA ILE A 2 -3.09 -6.92 22.71
C ILE A 2 -3.51 -6.08 21.51
N LEU A 3 -3.90 -4.83 21.78
CA LEU A 3 -4.34 -3.90 20.74
C LEU A 3 -3.27 -2.86 20.41
N ASP A 4 -2.84 -2.10 21.41
CA ASP A 4 -1.91 -1.01 21.20
C ASP A 4 -1.05 -0.86 22.44
N THR A 5 0.00 -0.04 22.32
CA THR A 5 0.81 0.36 23.46
C THR A 5 1.08 1.85 23.38
N ASP A 6 1.32 2.45 24.53
CA ASP A 6 1.87 3.80 24.61
C ASP A 6 2.52 3.95 25.98
N TYR A 7 2.68 5.19 26.42
CA TYR A 7 3.17 5.48 27.75
C TYR A 7 2.69 6.85 28.17
N ILE A 8 2.57 7.04 29.49
CA ILE A 8 2.28 8.33 30.08
C ILE A 8 3.41 8.64 31.05
N THR A 9 3.31 9.78 31.73
CA THR A 9 4.31 10.19 32.71
C THR A 9 3.66 10.32 34.08
N GLU A 10 4.36 9.82 35.09
CA GLU A 10 3.96 9.97 36.49
C GLU A 10 5.17 10.50 37.25
N ASP A 11 5.14 11.78 37.61
CA ASP A 11 6.22 12.42 38.37
C ASP A 11 7.56 12.28 37.65
N GLY A 12 7.54 12.53 36.33
CA GLY A 12 8.73 12.47 35.53
C GLY A 12 9.12 11.10 35.02
N LYS A 13 8.52 10.04 35.52
CA LYS A 13 8.87 8.67 35.15
C LYS A 13 7.87 8.10 34.15
N PRO A 14 8.34 7.42 33.11
CA PRO A 14 7.43 6.85 32.12
C PRO A 14 6.73 5.60 32.63
N VAL A 15 5.51 5.39 32.14
CA VAL A 15 4.71 4.23 32.52
C VAL A 15 4.06 3.68 31.26
N ILE A 16 4.44 2.46 30.87
CA ILE A 16 3.88 1.83 29.66
C ILE A 16 2.45 1.38 29.95
N ARG A 17 1.57 1.58 28.97
CA ARG A 17 0.20 1.05 29.02
C ARG A 17 0.00 0.03 27.91
N ILE A 18 -0.51 -1.13 28.27
CA ILE A 18 -0.87 -2.18 27.31
C ILE A 18 -2.38 -2.29 27.28
N PHE A 19 -2.97 -1.98 26.13
CA PHE A 19 -4.42 -2.08 25.95
C PHE A 19 -4.74 -3.44 25.34
N LYS A 20 -5.58 -4.21 26.02
CA LYS A 20 -5.92 -5.54 25.55
C LYS A 20 -7.39 -5.83 25.77
N LYS A 21 -7.86 -6.91 25.15
CA LYS A 21 -9.23 -7.40 25.29
C LYS A 21 -9.15 -8.89 25.56
N GLU A 22 -9.37 -9.29 26.81
CA GLU A 22 -9.32 -10.69 27.21
C GLU A 22 -10.73 -11.14 27.58
N ASN A 23 -11.29 -12.06 26.79
CA ASN A 23 -12.61 -12.62 27.03
C ASN A 23 -13.67 -11.53 27.19
N GLY A 24 -13.71 -10.64 26.21
CA GLY A 24 -14.73 -9.60 26.13
C GLY A 24 -14.53 -8.40 27.03
N GLU A 25 -13.44 -8.36 27.81
CA GLU A 25 -13.22 -7.31 28.79
C GLU A 25 -12.03 -6.47 28.39
N PHE A 26 -12.21 -5.14 28.39
CA PHE A 26 -11.11 -4.22 28.13
C PHE A 26 -10.25 -4.11 29.38
N LYS A 27 -8.94 -4.23 29.21
CA LYS A 27 -8.01 -4.18 30.33
C LYS A 27 -6.83 -3.30 29.98
N ILE A 28 -6.36 -2.54 30.96
CA ILE A 28 -5.15 -1.75 30.84
C ILE A 28 -4.11 -2.33 31.79
N GLU A 29 -2.95 -2.68 31.26
CA GLU A 29 -1.81 -3.14 32.05
C GLU A 29 -0.76 -2.05 32.12
N TYR A 30 -0.16 -1.87 33.29
CA TYR A 30 0.83 -0.84 33.53
C TYR A 30 2.18 -1.47 33.83
N ASP A 31 3.24 -0.83 33.32
CA ASP A 31 4.61 -1.32 33.47
C ASP A 31 5.51 -0.12 33.68
N ARG A 32 6.05 0.04 34.89
CA ARG A 32 6.91 1.15 35.23
C ARG A 32 8.39 0.76 35.29
N THR A 33 8.72 -0.49 34.97
CA THR A 33 10.08 -0.98 35.06
C THR A 33 10.88 -0.80 33.77
N PHE A 34 10.25 -0.35 32.69
CA PHE A 34 10.88 -0.34 31.38
C PHE A 34 11.68 0.94 31.21
N GLU A 35 12.99 0.78 30.98
CA GLU A 35 13.92 1.90 30.92
C GLU A 35 14.39 2.12 29.50
N PRO A 36 14.31 3.34 28.98
CA PRO A 36 14.75 3.58 27.60
C PRO A 36 16.26 3.51 27.48
N TYR A 37 16.72 3.33 26.23
CA TYR A 37 18.15 3.15 26.01
C TYR A 37 18.50 3.36 24.55
N PHE A 38 19.78 3.62 24.31
CA PHE A 38 20.41 3.42 23.00
C PHE A 38 21.86 3.00 23.24
N TYR A 39 22.52 2.57 22.16
CA TYR A 39 23.88 2.04 22.25
C TYR A 39 24.90 3.04 21.76
N ALA A 40 26.13 2.93 22.27
CA ALA A 40 27.23 3.78 21.88
C ALA A 40 28.47 2.93 21.62
N LEU A 41 29.24 3.32 20.59
CA LEU A 41 30.48 2.64 20.21
C LEU A 41 31.65 3.59 20.39
N LEU A 42 32.67 3.15 21.13
CA LEU A 42 33.77 4.01 21.52
C LEU A 42 35.09 3.48 20.96
N LYS A 43 36.11 4.36 21.00
CA LYS A 43 37.47 3.94 20.66
C LYS A 43 38.17 3.32 21.85
N ASP A 44 38.04 3.93 23.02
CA ASP A 44 38.53 3.38 24.27
C ASP A 44 37.36 3.18 25.23
N ASP A 45 37.49 2.21 26.13
CA ASP A 45 36.49 2.04 27.18
C ASP A 45 36.58 3.17 28.19
N SER A 46 37.79 3.63 28.51
CA SER A 46 37.97 4.74 29.44
C SER A 46 37.11 5.94 29.07
N ALA A 47 36.75 6.08 27.79
CA ALA A 47 35.91 7.18 27.38
C ALA A 47 34.52 7.15 28.02
N ILE A 48 34.11 6.00 28.55
CA ILE A 48 32.78 5.89 29.17
C ILE A 48 32.64 6.89 30.32
N GLU A 49 33.74 7.24 30.98
CA GLU A 49 33.67 8.17 32.09
C GLU A 49 33.37 9.58 31.61
N GLU A 50 33.95 9.98 30.47
CA GLU A 50 33.70 11.31 29.92
C GLU A 50 32.30 11.41 29.34
N VAL A 51 31.76 10.32 28.82
CA VAL A 51 30.40 10.38 28.26
C VAL A 51 29.35 10.28 29.36
N LYS A 52 29.65 9.61 30.48
CA LYS A 52 28.70 9.61 31.58
C LYS A 52 28.49 11.01 32.14
N LYS A 53 29.48 11.89 31.98
CA LYS A 53 29.38 13.25 32.47
C LYS A 53 28.80 14.15 31.39
N ILE A 54 27.93 13.61 30.58
CA ILE A 54 27.27 14.39 29.53
C ILE A 54 25.94 14.90 30.06
N THR A 55 25.54 16.08 29.59
CA THR A 55 24.32 16.71 30.07
C THR A 55 23.62 17.46 28.94
N ALA A 56 22.30 17.56 29.05
CA ALA A 56 21.49 18.42 28.21
C ALA A 56 20.25 18.84 29.02
N GLU A 57 19.35 19.58 28.37
CA GLU A 57 18.13 20.03 29.02
C GLU A 57 16.93 19.67 28.14
N ARG A 58 15.80 19.39 28.80
CA ARG A 58 14.55 19.23 28.07
C ARG A 58 13.52 20.24 28.56
N HIS A 59 12.93 20.02 29.73
CA HIS A 59 11.91 20.90 30.28
C HIS A 59 12.44 21.51 31.57
N GLY A 60 13.33 22.50 31.43
CA GLY A 60 13.87 23.21 32.57
C GLY A 60 14.80 22.38 33.43
N THR A 61 14.61 21.07 33.43
CA THR A 61 15.41 20.16 34.23
C THR A 61 16.53 19.56 33.37
N VAL A 62 17.65 19.26 34.01
CA VAL A 62 18.80 18.74 33.29
C VAL A 62 18.58 17.25 33.02
N VAL A 63 18.93 16.81 31.82
CA VAL A 63 18.90 15.39 31.49
C VAL A 63 20.33 14.86 31.59
N THR A 64 20.49 13.76 32.30
CA THR A 64 21.78 13.12 32.48
C THR A 64 21.68 11.68 31.97
N VAL A 65 22.82 11.00 31.99
CA VAL A 65 22.84 9.57 31.71
C VAL A 65 22.64 8.82 33.01
N LYS A 66 21.55 8.06 33.11
CA LYS A 66 21.23 7.35 34.34
C LYS A 66 22.22 6.23 34.61
N ARG A 67 22.38 5.32 33.66
CA ARG A 67 23.16 4.11 33.88
C ARG A 67 23.85 3.71 32.59
N VAL A 68 24.89 2.89 32.73
CA VAL A 68 25.64 2.38 31.59
C VAL A 68 25.91 0.90 31.79
N GLU A 69 26.12 0.20 30.68
CA GLU A 69 26.37 -1.24 30.68
C GLU A 69 27.03 -1.63 29.38
N LYS A 70 28.12 -2.39 29.46
CA LYS A 70 28.87 -2.81 28.28
C LYS A 70 28.38 -4.18 27.84
N VAL A 71 28.02 -4.29 26.56
CA VAL A 71 27.45 -5.52 26.01
C VAL A 71 28.19 -5.89 24.72
N GLN A 72 28.36 -7.19 24.50
CA GLN A 72 28.78 -7.71 23.21
C GLN A 72 27.55 -7.94 22.35
N LYS A 73 27.52 -7.33 21.17
CA LYS A 73 26.44 -7.52 20.21
C LYS A 73 27.01 -8.01 18.89
N LYS A 74 26.12 -8.43 17.99
CA LYS A 74 26.48 -8.88 16.65
C LYS A 74 26.06 -7.81 15.65
N PHE A 75 27.03 -7.20 14.99
CA PHE A 75 26.77 -6.21 13.96
C PHE A 75 27.15 -6.80 12.60
N LEU A 76 26.16 -6.95 11.74
CA LEU A 76 26.35 -7.50 10.40
C LEU A 76 27.10 -8.82 10.46
N GLY A 77 26.72 -9.67 11.41
CA GLY A 77 27.34 -10.96 11.59
C GLY A 77 28.71 -10.94 12.22
N ARG A 78 29.16 -9.79 12.72
CA ARG A 78 30.52 -9.65 13.23
C ARG A 78 30.49 -9.13 14.66
N PRO A 79 31.26 -9.73 15.57
CA PRO A 79 31.18 -9.34 16.99
C PRO A 79 31.62 -7.91 17.20
N VAL A 80 30.84 -7.18 18.01
CA VAL A 80 31.15 -5.81 18.38
C VAL A 80 30.82 -5.61 19.85
N GLU A 81 31.49 -4.65 20.46
CA GLU A 81 31.22 -4.28 21.84
C GLU A 81 30.75 -2.83 21.88
N VAL A 82 29.56 -2.62 22.42
CA VAL A 82 28.96 -1.30 22.52
C VAL A 82 28.51 -1.08 23.97
N TRP A 83 28.39 0.18 24.33
CA TRP A 83 27.95 0.57 25.67
C TRP A 83 26.49 0.95 25.63
N LYS A 84 25.66 0.23 26.38
CA LYS A 84 24.25 0.57 26.51
C LYS A 84 24.11 1.78 27.43
N LEU A 85 23.34 2.77 26.98
CA LEU A 85 23.12 3.99 27.74
C LEU A 85 21.65 4.06 28.15
N TYR A 86 21.40 4.04 29.45
CA TYR A 86 20.06 4.12 30.00
C TYR A 86 19.73 5.55 30.39
N PHE A 87 18.44 5.89 30.32
CA PHE A 87 17.96 7.20 30.71
C PHE A 87 16.69 7.03 31.54
N THR A 88 16.24 8.13 32.13
CA THR A 88 15.06 8.07 32.98
C THR A 88 13.78 8.10 32.17
N HIS A 89 13.66 9.07 31.26
CA HIS A 89 12.46 9.27 30.46
C HIS A 89 12.80 9.12 28.98
N PRO A 90 11.89 8.55 28.17
CA PRO A 90 12.22 8.36 26.74
C PRO A 90 12.47 9.67 26.00
N GLN A 91 11.78 10.74 26.38
CA GLN A 91 12.01 12.03 25.77
C GLN A 91 13.41 12.57 26.04
N ASP A 92 14.21 11.89 26.88
CA ASP A 92 15.57 12.34 27.13
C ASP A 92 16.47 12.08 25.92
N VAL A 93 16.29 10.94 25.25
CA VAL A 93 17.22 10.57 24.18
C VAL A 93 17.20 11.56 23.02
N PRO A 94 16.06 12.15 22.59
CA PRO A 94 16.20 13.14 21.51
C PRO A 94 16.86 14.43 21.97
N ALA A 95 16.79 14.73 23.27
CA ALA A 95 17.43 15.94 23.79
C ALA A 95 18.94 15.79 23.91
N ILE A 96 19.44 14.55 24.00
CA ILE A 96 20.83 14.32 24.37
C ILE A 96 21.57 13.43 23.37
N ARG A 97 20.88 12.71 22.48
CA ARG A 97 21.57 11.75 21.61
C ARG A 97 22.59 12.44 20.71
N ASP A 98 22.33 13.69 20.30
CA ASP A 98 23.26 14.37 19.42
C ASP A 98 24.58 14.68 20.12
N LYS A 99 24.54 14.98 21.43
CA LYS A 99 25.75 15.34 22.14
C LYS A 99 26.68 14.14 22.33
N ILE A 100 26.12 12.95 22.55
CA ILE A 100 26.96 11.75 22.64
C ILE A 100 27.65 11.51 21.31
N ARG A 101 26.90 11.60 20.21
CA ARG A 101 27.49 11.43 18.89
C ARG A 101 28.52 12.51 18.58
N GLU A 102 28.22 13.77 18.91
CA GLU A 102 29.15 14.86 18.67
C GLU A 102 30.43 14.71 19.47
N HIS A 103 30.40 13.98 20.57
CA HIS A 103 31.60 13.73 21.35
C HIS A 103 32.67 13.09 20.47
N PRO A 104 33.94 13.49 20.61
CA PRO A 104 34.99 12.86 19.78
C PRO A 104 35.10 11.36 20.00
N ALA A 105 35.18 10.93 21.25
CA ALA A 105 35.43 9.52 21.56
C ALA A 105 34.30 8.59 21.13
N VAL A 106 33.16 9.13 20.69
CA VAL A 106 32.04 8.31 20.24
C VAL A 106 32.09 8.21 18.72
N ILE A 107 32.27 6.98 18.22
CA ILE A 107 32.31 6.77 16.78
C ILE A 107 30.91 6.87 16.18
N ASP A 108 29.90 6.28 16.83
CA ASP A 108 28.54 6.27 16.32
C ASP A 108 27.61 5.77 17.43
N ILE A 109 26.32 6.09 17.28
CA ILE A 109 25.28 5.60 18.18
C ILE A 109 24.29 4.79 17.36
N TYR A 110 23.51 3.96 18.07
CA TYR A 110 22.60 3.04 17.40
C TYR A 110 21.33 2.87 18.21
N GLU A 111 20.26 2.48 17.53
CA GLU A 111 18.97 2.17 18.13
C GLU A 111 18.50 3.30 19.06
N TYR A 112 18.58 4.52 18.53
CA TYR A 112 18.23 5.72 19.28
C TYR A 112 16.93 6.35 18.84
N ASP A 113 16.39 5.95 17.68
CA ASP A 113 15.18 6.53 17.13
C ASP A 113 14.01 5.56 17.13
N ILE A 114 14.01 4.60 18.05
CA ILE A 114 12.94 3.61 18.15
C ILE A 114 11.93 4.11 19.17
N PRO A 115 10.68 4.38 18.77
CA PRO A 115 9.70 4.91 19.72
C PRO A 115 9.50 3.99 20.93
N PHE A 116 9.44 4.61 22.11
CA PHE A 116 9.43 3.88 23.37
C PHE A 116 8.36 2.80 23.39
N ALA A 117 7.18 3.08 22.84
CA ALA A 117 6.08 2.12 22.88
C ALA A 117 6.28 1.00 21.87
N LYS A 118 6.73 1.35 20.66
CA LYS A 118 7.11 0.31 19.70
C LYS A 118 8.27 -0.52 20.21
N ARG A 119 9.17 0.09 20.98
CA ARG A 119 10.30 -0.64 21.54
C ARG A 119 9.84 -1.64 22.60
N TYR A 120 8.82 -1.27 23.38
CA TYR A 120 8.32 -2.15 24.43
C TYR A 120 7.80 -3.47 23.87
N LEU A 121 7.11 -3.41 22.73
CA LEU A 121 6.59 -4.63 22.11
C LEU A 121 7.71 -5.57 21.71
N ILE A 122 8.84 -5.03 21.23
CA ILE A 122 9.93 -5.86 20.75
C ILE A 122 10.68 -6.50 21.90
N ASP A 123 11.25 -5.66 22.78
CA ASP A 123 12.12 -6.15 23.84
C ASP A 123 11.41 -7.12 24.78
N LYS A 124 10.09 -7.07 24.85
CA LYS A 124 9.31 -8.01 25.65
C LYS A 124 8.76 -9.15 24.82
N GLY A 125 9.01 -9.16 23.50
CA GLY A 125 8.49 -10.22 22.65
C GLY A 125 6.99 -10.29 22.60
N LEU A 126 6.31 -9.16 22.76
CA LEU A 126 4.86 -9.10 22.73
C LEU A 126 4.37 -8.87 21.30
N VAL A 127 3.25 -9.49 20.97
CA VAL A 127 2.73 -9.52 19.61
C VAL A 127 1.29 -9.03 19.63
N PRO A 128 0.97 -7.94 18.95
CA PRO A 128 -0.41 -7.46 18.92
C PRO A 128 -1.30 -8.39 18.11
N MET A 129 -2.61 -8.28 18.37
CA MET A 129 -3.65 -8.90 17.55
C MET A 129 -3.52 -10.43 17.51
N GLU A 130 -3.03 -11.02 18.59
CA GLU A 130 -2.92 -12.47 18.67
C GLU A 130 -4.17 -13.06 19.32
N GLY A 131 -4.56 -14.24 18.86
CA GLY A 131 -5.72 -14.92 19.40
C GLY A 131 -6.94 -14.77 18.52
N ASP A 132 -8.07 -15.26 19.05
CA ASP A 132 -9.35 -15.25 18.36
C ASP A 132 -10.36 -14.36 19.07
N GLU A 133 -9.90 -13.31 19.75
CA GLU A 133 -10.80 -12.45 20.49
C GLU A 133 -11.72 -11.69 19.54
N GLU A 134 -13.02 -11.71 19.81
CA GLU A 134 -13.99 -11.05 18.96
C GLU A 134 -13.99 -9.56 19.28
N LEU A 135 -13.54 -8.75 18.33
CA LEU A 135 -13.47 -7.31 18.52
C LEU A 135 -14.79 -6.67 18.11
N LYS A 136 -15.23 -5.68 18.89
CA LYS A 136 -16.43 -4.91 18.57
C LYS A 136 -16.03 -3.74 17.68
N MET A 137 -16.54 -3.73 16.45
CA MET A 137 -16.25 -2.68 15.49
C MET A 137 -17.46 -1.76 15.35
N LEU A 138 -17.18 -0.51 14.92
CA LEU A 138 -18.21 0.49 14.77
C LEU A 138 -17.74 1.52 13.75
N ALA A 139 -18.48 1.66 12.65
CA ALA A 139 -18.14 2.66 11.65
C ALA A 139 -18.88 3.96 11.94
N PHE A 140 -18.36 5.06 11.42
CA PHE A 140 -19.07 6.33 11.53
C PHE A 140 -18.61 7.26 10.42
N ALA A 141 -19.51 8.13 9.99
CA ALA A 141 -19.22 9.16 9.00
C ALA A 141 -20.00 10.42 9.36
N ILE A 142 -19.71 11.50 8.66
CA ILE A 142 -20.36 12.79 8.92
C ILE A 142 -20.82 13.41 7.62
N ALA A 143 -21.81 14.29 7.72
CA ALA A 143 -22.27 15.12 6.61
C ALA A 143 -22.22 16.58 7.05
N THR A 144 -21.72 17.44 6.18
CA THR A 144 -21.37 18.80 6.58
C THR A 144 -22.00 19.83 5.63
N LEU A 145 -21.89 21.10 6.04
CA LEU A 145 -22.27 22.23 5.21
C LEU A 145 -21.02 22.81 4.57
N TYR A 146 -20.91 22.69 3.24
CA TYR A 146 -19.73 23.10 2.49
C TYR A 146 -20.08 24.25 1.55
N HIS A 147 -19.19 25.24 1.46
CA HIS A 147 -19.39 26.37 0.57
C HIS A 147 -18.08 26.68 -0.19
N GLU A 148 -18.23 27.55 -1.18
CA GLU A 148 -17.23 27.95 -2.16
C GLU A 148 -15.79 27.87 -1.66
N GLY A 149 -15.49 28.62 -0.62
CA GLY A 149 -14.15 28.74 -0.09
C GLY A 149 -14.19 29.54 1.19
N GLU A 150 -14.78 28.95 2.22
CA GLU A 150 -15.12 29.67 3.45
C GLU A 150 -14.35 29.13 4.65
N GLU A 151 -13.17 28.54 4.42
CA GLU A 151 -12.29 27.99 5.45
C GLU A 151 -12.82 26.66 5.97
N PHE A 152 -11.90 25.80 6.42
CA PHE A 152 -12.26 24.45 6.84
C PHE A 152 -13.17 24.47 8.07
N ALA A 153 -14.22 23.66 8.01
CA ALA A 153 -15.15 23.45 9.13
C ALA A 153 -15.80 24.76 9.57
N GLU A 154 -15.87 25.73 8.66
CA GLU A 154 -16.65 26.94 8.94
C GLU A 154 -18.11 26.59 9.17
N GLY A 155 -18.71 25.83 8.26
CA GLY A 155 -20.08 25.40 8.39
C GLY A 155 -20.24 24.34 9.46
N PRO A 156 -21.49 24.03 9.81
CA PRO A 156 -21.75 23.03 10.83
C PRO A 156 -21.84 21.62 10.27
N ILE A 157 -21.56 20.64 11.14
CA ILE A 157 -21.86 19.25 10.83
C ILE A 157 -23.36 19.08 10.77
N LEU A 158 -23.87 18.57 9.66
CA LEU A 158 -25.30 18.38 9.53
C LEU A 158 -25.76 17.06 10.15
N MET A 159 -25.04 15.97 9.89
CA MET A 159 -25.45 14.65 10.32
C MET A 159 -24.23 13.80 10.62
N ILE A 160 -24.39 12.88 11.58
CA ILE A 160 -23.36 11.91 11.92
C ILE A 160 -24.02 10.54 11.84
N SER A 161 -23.59 9.73 10.88
CA SER A 161 -24.09 8.37 10.76
C SER A 161 -23.09 7.39 11.37
N TYR A 162 -23.61 6.31 11.93
CA TYR A 162 -22.80 5.23 12.46
C TYR A 162 -23.46 3.90 12.13
N ALA A 163 -22.65 2.90 11.82
CA ALA A 163 -23.18 1.58 11.50
C ALA A 163 -22.34 0.50 12.17
N ASP A 164 -23.00 -0.59 12.51
CA ASP A 164 -22.32 -1.76 13.08
C ASP A 164 -23.18 -2.99 12.80
N GLU A 165 -22.96 -4.04 13.59
CA GLU A 165 -23.74 -5.27 13.41
C GLU A 165 -25.22 -5.06 13.72
N GLU A 166 -25.58 -4.01 14.46
CA GLU A 166 -26.96 -3.74 14.81
C GLU A 166 -27.70 -2.92 13.76
N GLY A 167 -26.98 -2.32 12.82
CA GLY A 167 -27.58 -1.53 11.76
C GLY A 167 -26.91 -0.19 11.61
N ALA A 168 -27.44 0.60 10.67
CA ALA A 168 -26.94 1.92 10.38
C ALA A 168 -27.98 2.96 10.78
N ARG A 169 -27.58 3.94 11.58
CA ARG A 169 -28.47 5.00 12.04
C ARG A 169 -27.82 6.36 11.81
N VAL A 170 -28.67 7.39 11.73
CA VAL A 170 -28.24 8.75 11.43
C VAL A 170 -28.75 9.68 12.53
N ILE A 171 -27.87 10.55 13.03
CA ILE A 171 -28.21 11.59 13.98
C ILE A 171 -28.12 12.92 13.26
N THR A 172 -29.16 13.74 13.40
CA THR A 172 -29.22 15.03 12.71
C THR A 172 -30.14 15.96 13.50
N TRP A 173 -29.99 17.27 13.25
CA TRP A 173 -30.74 18.27 13.98
C TRP A 173 -31.76 19.00 13.12
N LYS A 174 -32.23 18.34 12.06
CA LYS A 174 -33.44 18.72 11.35
C LYS A 174 -34.37 17.51 11.32
N ASN A 175 -35.65 17.77 11.11
CA ASN A 175 -36.65 16.72 11.09
C ASN A 175 -36.60 15.99 9.76
N VAL A 176 -36.16 14.73 9.78
CA VAL A 176 -36.16 13.87 8.61
C VAL A 176 -36.99 12.63 8.95
N ASP A 177 -38.00 12.35 8.12
CA ASP A 177 -38.99 11.32 8.44
C ASP A 177 -38.54 9.96 7.88
N LEU A 178 -37.48 9.44 8.48
CA LEU A 178 -36.95 8.12 8.15
C LEU A 178 -36.72 7.34 9.43
N PRO A 179 -36.93 6.02 9.41
CA PRO A 179 -36.90 5.27 10.68
C PRO A 179 -35.51 5.08 11.25
N TYR A 180 -34.46 5.20 10.45
CA TYR A 180 -33.11 5.10 10.96
C TYR A 180 -32.51 6.44 11.38
N VAL A 181 -33.23 7.55 11.15
CA VAL A 181 -32.78 8.87 11.55
C VAL A 181 -33.23 9.12 12.98
N ASP A 182 -32.30 9.57 13.83
CA ASP A 182 -32.61 10.05 15.17
C ASP A 182 -32.54 11.58 15.14
N VAL A 183 -33.63 12.23 15.53
CA VAL A 183 -33.71 13.69 15.48
C VAL A 183 -33.31 14.27 16.83
N VAL A 184 -32.48 15.30 16.79
CA VAL A 184 -32.13 16.10 17.97
C VAL A 184 -32.34 17.57 17.64
N SER A 185 -32.06 18.43 18.62
CA SER A 185 -32.44 19.83 18.52
C SER A 185 -31.40 20.68 17.83
N THR A 186 -30.13 20.54 18.20
CA THR A 186 -29.06 21.37 17.68
C THR A 186 -27.88 20.50 17.24
N GLU A 187 -26.86 21.15 16.67
CA GLU A 187 -25.65 20.44 16.29
C GLU A 187 -24.91 19.92 17.51
N ARG A 188 -24.85 20.72 18.58
CA ARG A 188 -24.19 20.29 19.81
C ARG A 188 -24.79 18.98 20.31
N GLU A 189 -26.11 18.90 20.39
CA GLU A 189 -26.74 17.66 20.85
C GLU A 189 -26.50 16.50 19.91
N MET A 190 -26.33 16.78 18.62
CA MET A 190 -25.99 15.71 17.68
C MET A 190 -24.64 15.09 18.01
N ILE A 191 -23.70 15.91 18.46
CA ILE A 191 -22.37 15.39 18.80
C ILE A 191 -22.38 14.75 20.17
N LYS A 192 -23.07 15.37 21.14
CA LYS A 192 -23.24 14.75 22.45
C LYS A 192 -23.91 13.38 22.32
N ARG A 193 -24.93 13.30 21.46
CA ARG A 193 -25.63 12.03 21.27
C ARG A 193 -24.70 10.99 20.65
N PHE A 194 -23.79 11.41 19.77
CA PHE A 194 -22.86 10.46 19.16
C PHE A 194 -21.88 9.90 20.17
N LEU A 195 -21.27 10.76 20.98
CA LEU A 195 -20.44 10.31 22.09
C LEU A 195 -21.16 9.30 22.94
N ARG A 196 -22.43 9.60 23.28
CA ARG A 196 -23.23 8.72 24.13
C ARG A 196 -23.33 7.32 23.53
N VAL A 197 -23.57 7.22 22.23
CA VAL A 197 -23.71 5.91 21.60
C VAL A 197 -22.37 5.18 21.55
N VAL A 198 -21.29 5.91 21.30
CA VAL A 198 -19.97 5.29 21.26
C VAL A 198 -19.60 4.72 22.62
N LYS A 199 -19.69 5.57 23.66
CA LYS A 199 -19.41 5.12 25.02
C LYS A 199 -20.27 3.92 25.42
N GLU A 200 -21.51 3.88 24.95
CA GLU A 200 -22.36 2.73 25.21
C GLU A 200 -21.85 1.48 24.50
N LYS A 201 -21.79 1.54 23.17
CA LYS A 201 -21.38 0.37 22.39
C LYS A 201 -19.97 -0.09 22.74
N ASP A 202 -19.14 0.82 23.27
CA ASP A 202 -17.75 0.56 23.66
C ASP A 202 -17.02 -0.25 22.58
N PRO A 203 -16.89 0.28 21.38
CA PRO A 203 -16.25 -0.49 20.31
C PRO A 203 -14.73 -0.53 20.47
N ASP A 204 -14.15 -1.64 20.02
CA ASP A 204 -12.70 -1.77 20.03
C ASP A 204 -12.07 -1.03 18.85
N VAL A 205 -12.75 -1.02 17.71
CA VAL A 205 -12.23 -0.44 16.48
C VAL A 205 -13.22 0.59 15.97
N LEU A 206 -12.73 1.80 15.72
CA LEU A 206 -13.53 2.87 15.14
C LEU A 206 -13.17 2.99 13.66
N ILE A 207 -14.12 2.62 12.80
CA ILE A 207 -13.87 2.53 11.36
C ILE A 207 -14.27 3.86 10.72
N THR A 208 -13.38 4.38 9.86
CA THR A 208 -13.67 5.58 9.09
C THR A 208 -13.18 5.39 7.66
N TYR A 209 -13.53 6.35 6.81
CA TYR A 209 -12.92 6.50 5.49
C TYR A 209 -12.42 7.93 5.41
N ASN A 210 -11.11 8.12 5.63
CA ASN A 210 -10.43 9.41 5.65
C ASN A 210 -10.71 10.20 6.93
N GLY A 211 -10.96 9.50 8.04
CA GLY A 211 -11.06 10.18 9.32
C GLY A 211 -9.73 10.77 9.76
N ASP A 212 -8.62 10.20 9.27
CA ASP A 212 -7.30 10.77 9.55
C ASP A 212 -7.20 12.23 9.12
N ASN A 213 -7.97 12.63 8.11
CA ASN A 213 -7.78 13.93 7.49
C ASN A 213 -9.02 14.81 7.46
N PHE A 214 -10.23 14.24 7.59
CA PHE A 214 -11.46 15.04 7.52
C PHE A 214 -12.34 14.83 8.74
N ASP A 215 -12.86 13.61 8.96
CA ASP A 215 -13.89 13.41 9.98
C ASP A 215 -13.45 13.91 11.34
N PHE A 216 -12.30 13.43 11.83
CA PHE A 216 -11.87 13.80 13.18
C PHE A 216 -11.47 15.27 13.26
N ALA A 217 -10.87 15.80 12.20
CA ALA A 217 -10.48 17.21 12.19
C ALA A 217 -11.71 18.12 12.20
N TYR A 218 -12.76 17.74 11.46
CA TYR A 218 -13.99 18.51 11.47
C TYR A 218 -14.64 18.49 12.85
N LEU A 219 -14.75 17.30 13.44
CA LEU A 219 -15.32 17.18 14.77
C LEU A 219 -14.50 17.94 15.81
N LYS A 220 -13.19 18.05 15.60
CA LYS A 220 -12.36 18.79 16.54
C LYS A 220 -12.66 20.28 16.49
N LYS A 221 -12.61 20.88 15.30
CA LYS A 221 -12.87 22.30 15.15
C LYS A 221 -14.29 22.66 15.60
N ARG A 222 -15.25 21.78 15.30
CA ARG A 222 -16.62 22.03 15.73
C ARG A 222 -16.74 21.96 17.24
N CYS A 223 -16.14 20.93 17.86
CA CYS A 223 -16.20 20.80 19.31
C CYS A 223 -15.50 21.97 20.02
N GLU A 224 -14.43 22.49 19.42
CA GLU A 224 -13.79 23.67 19.99
C GLU A 224 -14.71 24.88 19.95
N LYS A 225 -15.51 25.00 18.89
CA LYS A 225 -16.45 26.11 18.78
C LYS A 225 -17.60 25.97 19.78
N LEU A 226 -18.08 24.75 19.99
CA LEU A 226 -19.28 24.51 20.80
C LEU A 226 -18.95 24.06 22.21
N GLY A 227 -17.68 24.17 22.63
CA GLY A 227 -17.26 23.79 23.96
C GLY A 227 -17.67 22.38 24.33
N ILE A 228 -17.12 21.40 23.64
CA ILE A 228 -17.48 19.99 23.83
C ILE A 228 -16.21 19.19 24.09
N ASN A 229 -16.26 18.33 25.10
CA ASN A 229 -15.17 17.40 25.37
C ASN A 229 -15.40 16.16 24.52
N PHE A 230 -14.62 16.02 23.45
CA PHE A 230 -14.78 14.91 22.50
C PHE A 230 -14.01 13.71 23.05
N ALA A 231 -14.55 13.14 24.12
CA ALA A 231 -13.86 12.08 24.87
C ALA A 231 -14.21 10.71 24.30
N LEU A 232 -13.81 10.48 23.05
CA LEU A 232 -14.00 9.18 22.43
C LEU A 232 -13.07 8.12 23.03
N GLY A 233 -11.97 8.54 23.65
CA GLY A 233 -11.00 7.58 24.16
C GLY A 233 -11.55 6.80 25.33
N ARG A 234 -11.09 5.54 25.43
CA ARG A 234 -11.52 4.69 26.54
C ARG A 234 -10.98 5.17 27.88
N ASP A 235 -9.91 5.97 27.88
CA ASP A 235 -9.40 6.58 29.10
C ASP A 235 -9.93 8.00 29.28
N GLY A 236 -11.01 8.35 28.60
CA GLY A 236 -11.60 9.68 28.68
C GLY A 236 -10.91 10.74 27.86
N SER A 237 -9.93 10.40 27.04
CA SER A 237 -9.17 11.38 26.29
C SER A 237 -9.87 11.76 25.00
N GLU A 238 -9.44 12.88 24.43
CA GLU A 238 -9.83 13.30 23.10
C GLU A 238 -8.90 12.67 22.07
N PRO A 239 -9.34 12.52 20.81
CA PRO A 239 -8.46 11.94 19.79
C PRO A 239 -7.19 12.76 19.61
N LYS A 240 -6.06 12.08 19.67
CA LYS A 240 -4.76 12.71 19.44
C LYS A 240 -4.42 12.70 17.96
N ILE A 241 -3.92 13.83 17.47
CA ILE A 241 -3.58 14.00 16.06
C ILE A 241 -2.07 13.97 15.93
N GLN A 242 -1.55 12.93 15.27
CA GLN A 242 -0.12 12.76 15.06
C GLN A 242 0.17 12.94 13.58
N ARG A 243 1.06 13.89 13.26
CA ARG A 243 1.37 14.14 11.87
C ARG A 243 2.31 13.07 11.33
N MET A 244 2.05 12.66 10.09
CA MET A 244 2.92 11.73 9.37
C MET A 244 3.19 12.35 7.99
N GLY A 245 4.33 13.03 7.87
CA GLY A 245 4.63 13.72 6.64
C GLY A 245 3.65 14.85 6.40
N ASP A 246 3.22 14.98 5.14
CA ASP A 246 2.17 15.94 4.81
C ASP A 246 0.85 15.57 5.47
N ARG A 247 0.50 14.29 5.45
CA ARG A 247 -0.79 13.83 5.95
C ARG A 247 -0.86 13.96 7.47
N PHE A 248 -1.99 13.52 8.02
CA PHE A 248 -2.20 13.42 9.45
C PHE A 248 -2.77 12.04 9.75
N ALA A 249 -2.53 11.57 10.97
CA ALA A 249 -3.10 10.33 11.46
C ALA A 249 -3.69 10.56 12.84
N VAL A 250 -4.82 9.93 13.12
CA VAL A 250 -5.57 10.16 14.34
C VAL A 250 -5.77 8.83 15.06
N GLU A 251 -5.54 8.82 16.37
CA GLU A 251 -5.75 7.63 17.19
C GLU A 251 -6.69 7.94 18.33
N VAL A 252 -7.38 6.90 18.79
CA VAL A 252 -8.36 7.00 19.87
C VAL A 252 -7.92 6.00 20.93
N LYS A 253 -7.36 6.50 22.04
CA LYS A 253 -6.70 5.64 23.01
C LYS A 253 -7.64 4.58 23.55
N GLY A 254 -7.10 3.40 23.84
CA GLY A 254 -7.92 2.28 24.24
C GLY A 254 -8.67 1.61 23.12
N ARG A 255 -8.81 2.27 21.97
CA ARG A 255 -9.43 1.71 20.78
C ARG A 255 -8.41 1.70 19.64
N ILE A 256 -8.86 1.27 18.47
CA ILE A 256 -8.05 1.25 17.25
C ILE A 256 -8.82 2.03 16.20
N HIS A 257 -8.35 3.23 15.87
CA HIS A 257 -8.97 3.98 14.79
C HIS A 257 -8.53 3.35 13.47
N PHE A 258 -9.43 2.61 12.85
CA PHE A 258 -9.15 1.95 11.57
C PHE A 258 -9.64 2.86 10.46
N ASP A 259 -8.73 3.67 9.92
CA ASP A 259 -9.02 4.44 8.72
C ASP A 259 -8.81 3.53 7.51
N LEU A 260 -9.87 3.37 6.72
CA LEU A 260 -9.86 2.46 5.58
C LEU A 260 -9.13 3.02 4.37
N TYR A 261 -9.05 4.33 4.24
CA TYR A 261 -8.45 4.91 3.03
C TYR A 261 -6.98 4.54 2.86
N PRO A 262 -6.14 4.62 3.89
CA PRO A 262 -4.74 4.20 3.69
C PRO A 262 -4.59 2.73 3.31
N VAL A 263 -5.44 1.84 3.81
CA VAL A 263 -5.26 0.43 3.50
C VAL A 263 -5.82 0.09 2.13
N ILE A 264 -6.99 0.66 1.78
CA ILE A 264 -7.58 0.40 0.47
C ILE A 264 -6.63 0.88 -0.63
N ARG A 265 -5.95 2.00 -0.39
CA ARG A 265 -5.03 2.54 -1.38
C ARG A 265 -3.84 1.63 -1.60
N ARG A 266 -3.29 1.04 -0.54
CA ARG A 266 -2.13 0.17 -0.66
C ARG A 266 -2.49 -1.26 -1.05
N THR A 267 -3.74 -1.65 -0.90
CA THR A 267 -4.18 -3.02 -1.18
C THR A 267 -4.79 -3.19 -2.56
N ILE A 268 -5.51 -2.18 -3.06
CA ILE A 268 -6.16 -2.25 -4.35
C ILE A 268 -5.68 -1.08 -5.20
N ASN A 269 -5.60 -1.31 -6.51
CA ASN A 269 -5.21 -0.28 -7.48
C ASN A 269 -6.44 0.09 -8.28
N LEU A 270 -6.99 1.27 -7.99
CA LEU A 270 -8.20 1.76 -8.65
C LEU A 270 -7.93 3.13 -9.27
N PRO A 271 -8.66 3.49 -10.32
CA PRO A 271 -8.49 4.85 -10.89
C PRO A 271 -8.79 5.95 -9.88
N THR A 272 -9.93 5.85 -9.19
CA THR A 272 -10.29 6.77 -8.13
C THR A 272 -10.45 5.99 -6.83
N TYR A 273 -10.37 6.72 -5.72
CA TYR A 273 -10.54 6.14 -4.39
C TYR A 273 -11.67 6.81 -3.63
N THR A 274 -12.74 7.16 -4.34
CA THR A 274 -13.96 7.61 -3.68
C THR A 274 -14.64 6.42 -3.01
N LEU A 275 -15.37 6.71 -1.93
CA LEU A 275 -16.07 5.67 -1.19
C LEU A 275 -16.98 4.85 -2.10
N GLU A 276 -17.53 5.49 -3.14
CA GLU A 276 -18.42 4.79 -4.06
C GLU A 276 -17.66 3.81 -4.94
N ALA A 277 -16.47 4.19 -5.39
CA ALA A 277 -15.66 3.29 -6.22
C ALA A 277 -15.20 2.08 -5.42
N VAL A 278 -14.66 2.32 -4.23
CA VAL A 278 -14.14 1.24 -3.39
C VAL A 278 -15.24 0.23 -3.09
N TYR A 279 -16.46 0.71 -2.83
CA TYR A 279 -17.55 -0.21 -2.52
C TYR A 279 -17.89 -1.09 -3.71
N GLU A 280 -18.08 -0.48 -4.88
CA GLU A 280 -18.45 -1.26 -6.05
C GLU A 280 -17.31 -2.19 -6.48
N ALA A 281 -16.06 -1.77 -6.30
CA ALA A 281 -14.93 -2.61 -6.67
C ALA A 281 -14.89 -3.87 -5.83
N VAL A 282 -15.07 -3.74 -4.51
CA VAL A 282 -14.90 -4.89 -3.62
C VAL A 282 -16.14 -5.77 -3.62
N PHE A 283 -17.34 -5.17 -3.61
CA PHE A 283 -18.57 -5.91 -3.43
C PHE A 283 -19.41 -6.03 -4.70
N GLY A 284 -18.96 -5.44 -5.82
CA GLY A 284 -19.66 -5.62 -7.08
C GLY A 284 -21.04 -5.00 -7.15
N GLN A 285 -21.34 -4.01 -6.31
CA GLN A 285 -22.64 -3.39 -6.24
C GLN A 285 -22.46 -1.88 -6.16
N PRO A 286 -23.27 -1.10 -6.90
CA PRO A 286 -23.02 0.34 -7.00
C PRO A 286 -23.53 1.11 -5.80
N LYS A 287 -22.78 2.14 -5.42
CA LYS A 287 -23.20 3.07 -4.38
C LYS A 287 -23.47 4.43 -5.01
N GLU A 288 -24.68 4.95 -4.78
CA GLU A 288 -25.05 6.26 -5.31
C GLU A 288 -24.37 7.37 -4.52
N LYS A 289 -24.05 8.47 -5.22
CA LYS A 289 -23.32 9.59 -4.64
C LYS A 289 -24.18 10.84 -4.61
N VAL A 290 -24.23 11.49 -3.45
CA VAL A 290 -24.81 12.81 -3.28
C VAL A 290 -23.67 13.78 -3.00
N TYR A 291 -23.63 14.87 -3.75
CA TYR A 291 -22.49 15.77 -3.72
C TYR A 291 -22.67 16.86 -2.67
N ALA A 292 -21.56 17.51 -2.31
CA ALA A 292 -21.58 18.54 -1.30
C ALA A 292 -22.57 19.64 -1.66
N GLU A 293 -22.64 20.01 -2.93
CA GLU A 293 -23.64 20.96 -3.40
C GLU A 293 -25.05 20.51 -3.02
N GLU A 294 -25.46 19.33 -3.50
CA GLU A 294 -26.81 18.84 -3.26
C GLU A 294 -27.13 18.76 -1.77
N ILE A 295 -26.13 18.48 -0.93
CA ILE A 295 -26.35 18.44 0.51
C ILE A 295 -26.62 19.85 1.03
N THR A 296 -25.77 20.80 0.63
CA THR A 296 -25.92 22.17 1.11
C THR A 296 -27.27 22.76 0.73
N THR A 297 -27.70 22.54 -0.52
CA THR A 297 -28.98 23.09 -0.97
C THR A 297 -30.16 22.34 -0.35
N ALA A 298 -30.00 21.05 -0.08
CA ALA A 298 -31.09 20.30 0.55
C ALA A 298 -31.30 20.70 2.00
N TRP A 299 -30.22 21.14 2.66
CA TRP A 299 -30.33 21.59 4.05
C TRP A 299 -30.88 23.01 4.13
N GLU A 300 -30.38 23.91 3.29
CA GLU A 300 -30.81 25.30 3.34
C GLU A 300 -32.27 25.46 2.91
N THR A 301 -32.70 24.67 1.91
CA THR A 301 -34.09 24.71 1.48
C THR A 301 -35.00 23.80 2.29
N GLY A 302 -34.43 22.85 3.03
CA GLY A 302 -35.24 21.90 3.77
C GLY A 302 -35.95 20.86 2.92
N GLU A 303 -35.60 20.75 1.65
CA GLU A 303 -36.23 19.80 0.73
C GLU A 303 -35.22 18.73 0.31
N ASN A 304 -35.75 17.53 0.04
CA ASN A 304 -34.94 16.37 -0.32
C ASN A 304 -33.95 15.99 0.77
N LEU A 305 -34.24 16.35 2.03
CA LEU A 305 -33.41 15.88 3.12
C LEU A 305 -33.48 14.37 3.28
N GLU A 306 -34.55 13.76 2.79
CA GLU A 306 -34.65 12.30 2.78
C GLU A 306 -33.52 11.68 1.96
N ARG A 307 -33.13 12.34 0.86
CA ARG A 307 -32.06 11.80 0.02
C ARG A 307 -30.70 11.98 0.68
N VAL A 308 -30.47 13.13 1.33
CA VAL A 308 -29.19 13.34 2.02
C VAL A 308 -29.06 12.40 3.20
N ALA A 309 -30.16 12.15 3.91
CA ALA A 309 -30.13 11.23 5.04
C ALA A 309 -29.83 9.81 4.59
N ARG A 310 -30.39 9.41 3.45
CA ARG A 310 -30.11 8.08 2.90
C ARG A 310 -28.63 7.94 2.53
N TYR A 311 -28.06 8.98 1.93
CA TYR A 311 -26.66 8.96 1.54
C TYR A 311 -25.75 8.81 2.77
N SER A 312 -25.96 9.66 3.78
CA SER A 312 -25.15 9.57 5.00
C SER A 312 -25.30 8.20 5.66
N MET A 313 -26.51 7.63 5.63
CA MET A 313 -26.72 6.29 6.17
C MET A 313 -25.91 5.26 5.40
N GLU A 314 -25.95 5.32 4.07
CA GLU A 314 -25.19 4.38 3.27
C GLU A 314 -23.69 4.56 3.46
N ASP A 315 -23.26 5.78 3.78
CA ASP A 315 -21.84 6.03 4.04
C ASP A 315 -21.36 5.25 5.25
N ALA A 316 -22.16 5.23 6.32
CA ALA A 316 -21.77 4.47 7.51
C ALA A 316 -21.88 2.97 7.28
N LYS A 317 -22.91 2.54 6.54
CA LYS A 317 -23.13 1.10 6.38
C LYS A 317 -22.03 0.48 5.51
N VAL A 318 -21.62 1.14 4.43
CA VAL A 318 -20.58 0.57 3.58
C VAL A 318 -19.23 0.60 4.29
N THR A 319 -18.97 1.66 5.05
CA THR A 319 -17.71 1.74 5.79
C THR A 319 -17.60 0.63 6.83
N TYR A 320 -18.74 0.17 7.35
CA TYR A 320 -18.73 -0.99 8.24
C TYR A 320 -18.50 -2.28 7.46
N GLU A 321 -19.23 -2.48 6.37
CA GLU A 321 -19.02 -3.67 5.54
C GLU A 321 -17.60 -3.73 5.00
N LEU A 322 -17.01 -2.57 4.71
CA LEU A 322 -15.63 -2.53 4.23
C LEU A 322 -14.62 -2.73 5.34
N GLY A 323 -14.95 -2.29 6.55
CA GLY A 323 -14.08 -2.57 7.69
C GLY A 323 -14.05 -4.05 8.01
N LYS A 324 -15.18 -4.74 7.87
CA LYS A 324 -15.23 -6.17 8.14
C LYS A 324 -14.44 -6.96 7.12
N GLU A 325 -14.37 -6.48 5.87
CA GLU A 325 -13.68 -7.22 4.83
C GLU A 325 -12.17 -7.06 4.93
N PHE A 326 -11.69 -5.96 5.51
CA PHE A 326 -10.27 -5.65 5.48
C PHE A 326 -9.59 -5.65 6.84
N LEU A 327 -10.35 -5.64 7.93
CA LEU A 327 -9.72 -5.73 9.25
C LEU A 327 -8.97 -7.04 9.45
N PRO A 328 -9.54 -8.23 9.16
CA PRO A 328 -8.78 -9.46 9.39
C PRO A 328 -7.47 -9.52 8.62
N MET A 329 -7.45 -8.94 7.42
CA MET A 329 -6.23 -8.94 6.63
C MET A 329 -5.17 -8.05 7.26
N GLU A 330 -5.57 -7.03 8.01
CA GLU A 330 -4.65 -6.14 8.70
C GLU A 330 -4.39 -6.57 10.15
N ALA A 331 -5.26 -7.40 10.72
CA ALA A 331 -4.93 -8.03 12.00
C ALA A 331 -3.79 -9.01 11.83
N GLN A 332 -3.84 -9.85 10.78
CA GLN A 332 -2.75 -10.78 10.52
C GLN A 332 -1.48 -10.05 10.10
N LEU A 333 -1.63 -8.95 9.37
CA LEU A 333 -0.46 -8.11 9.09
C LEU A 333 0.11 -7.51 10.38
N SER A 334 -0.73 -7.26 11.38
CA SER A 334 -0.24 -6.77 12.67
C SER A 334 0.42 -7.88 13.46
N ARG A 335 -0.22 -9.06 13.51
CA ARG A 335 0.38 -10.23 14.14
C ARG A 335 1.76 -10.52 13.55
N LEU A 336 1.87 -10.45 12.22
CA LEU A 336 3.11 -10.81 11.55
C LEU A 336 4.21 -9.79 11.80
N ILE A 337 3.88 -8.50 11.74
CA ILE A 337 4.91 -7.48 11.90
C ILE A 337 5.27 -7.26 13.36
N GLY A 338 4.33 -7.51 14.27
CA GLY A 338 4.57 -7.26 15.68
C GLY A 338 4.35 -5.83 16.11
N GLN A 339 3.49 -5.10 15.41
CA GLN A 339 3.14 -3.73 15.77
C GLN A 339 1.64 -3.56 15.66
N SER A 340 1.12 -2.52 16.31
CA SER A 340 -0.31 -2.33 16.42
C SER A 340 -0.95 -2.19 15.04
N LEU A 341 -2.24 -2.52 14.97
CA LEU A 341 -2.99 -2.32 13.74
C LEU A 341 -3.03 -0.84 13.36
N TRP A 342 -3.02 0.04 14.36
CA TRP A 342 -2.99 1.48 14.06
C TRP A 342 -1.72 1.85 13.30
N ASP A 343 -0.56 1.47 13.86
CA ASP A 343 0.70 1.77 13.19
C ASP A 343 0.81 1.07 11.84
N VAL A 344 0.36 -0.18 11.77
CA VAL A 344 0.68 -1.02 10.64
C VAL A 344 -0.25 -0.73 9.45
N SER A 345 -1.52 -0.40 9.71
CA SER A 345 -2.44 -0.10 8.63
C SER A 345 -2.12 1.20 7.90
N ARG A 346 -1.16 1.98 8.40
CA ARG A 346 -0.77 3.24 7.79
C ARG A 346 0.70 3.25 7.36
N SER A 347 1.28 2.08 7.16
CA SER A 347 2.71 1.97 6.90
C SER A 347 2.95 1.53 5.46
N SER A 348 3.96 2.13 4.84
CA SER A 348 4.39 1.69 3.53
C SER A 348 5.06 0.32 3.64
N THR A 349 5.12 -0.38 2.50
CA THR A 349 5.74 -1.70 2.46
C THR A 349 7.16 -1.67 2.98
N GLY A 350 7.95 -0.68 2.56
CA GLY A 350 9.32 -0.58 3.04
C GLY A 350 9.41 -0.39 4.55
N ASN A 351 8.52 0.42 5.11
CA ASN A 351 8.50 0.60 6.56
C ASN A 351 8.04 -0.64 7.29
N LEU A 352 7.29 -1.52 6.62
CA LEU A 352 6.84 -2.75 7.25
C LEU A 352 7.98 -3.73 7.46
N VAL A 353 8.81 -3.91 6.43
CA VAL A 353 9.94 -4.83 6.52
C VAL A 353 10.87 -4.43 7.66
N GLU A 354 11.08 -3.12 7.83
CA GLU A 354 12.05 -2.65 8.82
C GLU A 354 11.62 -2.99 10.23
N TRP A 355 10.32 -2.97 10.52
CA TRP A 355 9.87 -3.33 11.85
C TRP A 355 9.96 -4.84 12.09
N PHE A 356 9.72 -5.64 11.05
CA PHE A 356 9.94 -7.08 11.16
C PHE A 356 11.40 -7.37 11.45
N LEU A 357 12.30 -6.67 10.76
CA LEU A 357 13.72 -6.94 10.92
C LEU A 357 14.23 -6.47 12.28
N LEU A 358 13.72 -5.33 12.78
CA LEU A 358 14.15 -4.85 14.09
C LEU A 358 13.75 -5.83 15.19
N ARG A 359 12.55 -6.41 15.09
CA ARG A 359 12.15 -7.44 16.06
C ARG A 359 13.08 -8.64 15.99
N LYS A 360 13.28 -9.18 14.78
CA LYS A 360 14.17 -10.32 14.61
C LYS A 360 15.59 -10.01 15.09
N ALA A 361 16.12 -8.86 14.67
CA ALA A 361 17.46 -8.46 15.09
C ALA A 361 17.61 -8.48 16.59
N TYR A 362 16.60 -7.99 17.31
CA TYR A 362 16.65 -8.03 18.77
C TYR A 362 16.60 -9.47 19.28
N GLU A 363 15.82 -10.33 18.62
CA GLU A 363 15.75 -11.73 19.03
C GLU A 363 17.08 -12.44 18.92
N ARG A 364 17.98 -11.92 18.08
CA ARG A 364 19.24 -12.58 17.77
C ARG A 364 20.45 -11.73 18.15
N ASN A 365 20.27 -10.84 19.13
CA ASN A 365 21.34 -9.96 19.61
C ASN A 365 22.08 -9.30 18.43
N GLU A 366 21.32 -8.84 17.45
CA GLU A 366 21.88 -8.26 16.24
C GLU A 366 21.68 -6.75 16.31
N LEU A 367 22.77 -6.02 16.52
CA LEU A 367 22.70 -4.56 16.53
C LEU A 367 22.22 -4.07 15.18
N ALA A 368 21.38 -3.04 15.21
CA ALA A 368 20.79 -2.61 13.95
C ALA A 368 21.57 -1.44 13.36
N PRO A 369 21.75 -1.41 12.04
CA PRO A 369 22.31 -0.22 11.41
C PRO A 369 21.35 0.95 11.51
N ASN A 370 21.91 2.15 11.56
CA ASN A 370 21.09 3.36 11.66
C ASN A 370 20.41 3.64 10.33
N LYS A 371 19.58 4.68 10.34
CA LYS A 371 19.12 5.22 9.07
C LYS A 371 20.22 6.12 8.50
N PRO A 372 20.40 6.15 7.18
CA PRO A 372 21.46 6.99 6.61
C PRO A 372 21.22 8.45 6.94
N ASP A 373 22.30 9.15 7.31
CA ASP A 373 22.20 10.59 7.50
C ASP A 373 21.90 11.25 6.16
N GLU A 374 21.77 12.57 6.15
CA GLU A 374 21.49 13.27 4.90
C GLU A 374 22.58 13.03 3.87
N LYS A 375 23.84 12.87 4.31
CA LYS A 375 24.97 12.78 3.39
C LYS A 375 25.15 11.37 2.85
N GLU A 376 25.23 10.37 3.73
CA GLU A 376 25.33 8.99 3.29
C GLU A 376 24.13 8.60 2.43
N LEU A 377 22.96 9.17 2.70
CA LEU A 377 21.80 8.95 1.85
C LEU A 377 22.09 9.36 0.41
N ALA A 378 22.77 10.50 0.22
CA ALA A 378 23.04 10.97 -1.13
C ALA A 378 23.89 9.98 -1.91
N ARG A 379 24.82 9.30 -1.22
CA ARG A 379 25.62 8.27 -1.85
C ARG A 379 24.74 7.18 -2.46
N ARG A 380 23.56 6.93 -1.86
CA ARG A 380 22.69 5.84 -2.25
C ARG A 380 21.77 6.19 -3.41
N ARG A 381 21.97 7.33 -4.06
CA ARG A 381 21.19 7.65 -5.25
C ARG A 381 21.66 6.89 -6.49
N GLN A 382 22.66 6.03 -6.35
CA GLN A 382 23.13 5.22 -7.46
C GLN A 382 22.15 4.08 -7.73
N SER A 383 22.04 3.69 -9.00
CA SER A 383 21.10 2.67 -9.43
C SER A 383 21.86 1.49 -10.06
N TYR A 384 21.11 0.44 -10.41
CA TYR A 384 21.68 -0.78 -10.96
C TYR A 384 20.74 -1.34 -12.01
N GLU A 385 21.15 -2.43 -12.65
CA GLU A 385 20.34 -3.04 -13.69
C GLU A 385 19.21 -3.87 -13.07
N GLY A 386 18.02 -3.74 -13.63
CA GLY A 386 16.83 -4.38 -13.10
C GLY A 386 16.48 -5.67 -13.82
N GLY A 387 15.20 -5.86 -14.09
CA GLY A 387 14.75 -7.06 -14.75
C GLY A 387 15.09 -7.07 -16.22
N TYR A 388 14.95 -8.26 -16.82
CA TYR A 388 15.17 -8.45 -18.24
C TYR A 388 13.84 -8.47 -18.97
N VAL A 389 13.77 -7.76 -20.10
CA VAL A 389 12.56 -7.66 -20.90
C VAL A 389 12.96 -7.98 -22.34
N LYS A 390 12.60 -9.18 -22.80
CA LYS A 390 12.98 -9.62 -24.13
C LYS A 390 12.27 -8.80 -25.21
N GLU A 391 13.00 -8.51 -26.28
CA GLU A 391 12.41 -7.88 -27.46
C GLU A 391 11.33 -8.81 -28.01
N PRO A 392 10.06 -8.43 -27.92
CA PRO A 392 8.99 -9.39 -28.21
C PRO A 392 8.71 -9.52 -29.69
N GLU A 393 8.28 -10.73 -30.07
CA GLU A 393 7.74 -10.99 -31.40
C GLU A 393 6.30 -10.51 -31.39
N ARG A 394 6.07 -9.29 -31.86
CA ARG A 394 4.73 -8.72 -31.82
C ARG A 394 3.77 -9.51 -32.71
N GLY A 395 2.49 -9.25 -32.53
CA GLY A 395 1.45 -9.88 -33.33
C GLY A 395 0.59 -10.83 -32.52
N LEU A 396 -0.27 -11.54 -33.24
CA LEU A 396 -1.18 -12.50 -32.64
C LEU A 396 -0.58 -13.91 -32.69
N TRP A 397 -0.78 -14.65 -31.60
CA TRP A 397 -0.25 -16.00 -31.49
C TRP A 397 -1.32 -16.90 -30.89
N GLU A 398 -1.18 -18.20 -31.15
CA GLU A 398 -2.12 -19.20 -30.69
C GLU A 398 -1.39 -20.32 -29.96
N ASN A 399 -2.12 -20.98 -29.06
CA ASN A 399 -1.61 -22.13 -28.32
C ASN A 399 -0.36 -21.78 -27.53
N ILE A 400 -0.47 -20.76 -26.70
CA ILE A 400 0.64 -20.20 -25.94
C ILE A 400 0.67 -20.83 -24.55
N VAL A 401 1.88 -21.00 -24.02
CA VAL A 401 2.09 -21.43 -22.65
C VAL A 401 2.96 -20.38 -21.95
N TYR A 402 2.54 -19.97 -20.75
CA TYR A 402 3.34 -19.07 -19.94
C TYR A 402 4.08 -19.88 -18.88
N LEU A 403 5.40 -19.77 -18.87
CA LEU A 403 6.25 -20.41 -17.87
C LEU A 403 6.89 -19.31 -17.04
N ASP A 404 6.84 -19.47 -15.71
CA ASP A 404 7.38 -18.46 -14.81
C ASP A 404 8.12 -19.13 -13.66
N PHE A 405 9.11 -18.42 -13.12
CA PHE A 405 9.77 -18.88 -11.91
C PHE A 405 8.85 -18.71 -10.71
N ARG A 406 9.01 -19.59 -9.73
CA ARG A 406 8.28 -19.50 -8.47
C ARG A 406 9.16 -18.76 -7.46
N SER A 407 8.72 -17.57 -7.06
CA SER A 407 9.45 -16.72 -6.12
C SER A 407 10.91 -16.56 -6.54
N LEU A 408 11.10 -15.95 -7.71
CA LEU A 408 12.43 -15.79 -8.28
C LEU A 408 13.40 -15.13 -7.31
N TYR A 409 13.17 -13.85 -7.01
CA TYR A 409 14.10 -13.11 -6.16
C TYR A 409 14.23 -13.71 -4.76
N PRO A 410 13.16 -14.07 -4.05
CA PRO A 410 13.36 -14.70 -2.73
C PRO A 410 14.12 -16.02 -2.81
N SER A 411 13.83 -16.87 -3.81
CA SER A 411 14.58 -18.11 -3.96
C SER A 411 16.06 -17.81 -4.21
N ILE A 412 16.34 -16.76 -4.96
CA ILE A 412 17.72 -16.36 -5.22
C ILE A 412 18.40 -15.89 -3.94
N ILE A 413 17.71 -15.07 -3.15
CA ILE A 413 18.27 -14.57 -1.90
C ILE A 413 18.61 -15.72 -0.96
N ILE A 414 17.82 -16.80 -0.99
CA ILE A 414 18.05 -17.93 -0.10
C ILE A 414 19.11 -18.88 -0.68
N THR A 415 18.96 -19.24 -1.96
CA THR A 415 19.86 -20.21 -2.58
C THR A 415 21.32 -19.76 -2.50
N HIS A 416 21.56 -18.46 -2.74
CA HIS A 416 22.91 -17.94 -2.78
C HIS A 416 23.26 -17.12 -1.54
N ASN A 417 22.43 -17.15 -0.51
CA ASN A 417 22.69 -16.48 0.76
C ASN A 417 23.00 -14.99 0.54
N VAL A 418 22.19 -14.35 -0.29
CA VAL A 418 22.39 -12.95 -0.61
C VAL A 418 22.05 -12.11 0.62
N SER A 419 23.05 -11.41 1.15
CA SER A 419 22.93 -10.77 2.45
C SER A 419 24.09 -9.81 2.68
N PRO A 420 23.87 -8.69 3.36
CA PRO A 420 24.98 -7.77 3.64
C PRO A 420 26.03 -8.36 4.57
N ASP A 421 25.65 -9.30 5.43
CA ASP A 421 26.58 -9.94 6.34
C ASP A 421 27.21 -11.20 5.77
N THR A 422 26.90 -11.55 4.52
CA THR A 422 27.61 -12.59 3.80
C THR A 422 28.28 -12.08 2.54
N LEU A 423 28.10 -10.80 2.21
CA LEU A 423 28.66 -10.21 1.00
C LEU A 423 30.16 -9.98 1.20
N ASN A 424 30.97 -10.69 0.42
CA ASN A 424 32.42 -10.52 0.44
C ASN A 424 33.01 -10.71 1.84
N ARG A 425 32.50 -11.70 2.57
CA ARG A 425 33.06 -12.03 3.87
C ARG A 425 34.20 -13.02 3.66
N GLU A 426 35.42 -12.57 3.96
CA GLU A 426 36.61 -13.36 3.65
C GLU A 426 36.77 -14.53 4.62
N GLY A 427 37.60 -15.49 4.22
CA GLY A 427 37.87 -16.65 5.03
C GLY A 427 36.89 -17.79 4.90
N CYS A 428 35.77 -17.59 4.22
CA CYS A 428 34.84 -18.69 4.02
C CYS A 428 35.43 -19.72 3.08
N LYS A 429 34.94 -20.96 3.19
CA LYS A 429 35.40 -22.04 2.33
C LYS A 429 34.53 -22.23 1.09
N GLU A 430 33.29 -21.74 1.11
CA GLU A 430 32.39 -21.87 -0.02
C GLU A 430 31.76 -20.51 -0.31
N TYR A 431 31.72 -20.15 -1.59
CA TYR A 431 31.13 -18.90 -2.04
C TYR A 431 30.24 -19.16 -3.24
N ASP A 432 29.22 -18.31 -3.38
CA ASP A 432 28.43 -18.23 -4.62
C ASP A 432 28.74 -16.90 -5.28
N VAL A 433 29.19 -16.93 -6.52
CA VAL A 433 29.57 -15.73 -7.26
C VAL A 433 28.42 -15.34 -8.18
N ALA A 434 28.12 -14.03 -8.24
CA ALA A 434 26.98 -13.51 -8.97
C ALA A 434 27.39 -13.10 -10.38
N PRO A 435 26.66 -13.52 -11.41
CA PRO A 435 27.03 -13.16 -12.78
C PRO A 435 27.05 -11.64 -12.98
N GLN A 436 27.96 -11.20 -13.86
CA GLN A 436 28.12 -9.79 -14.24
C GLN A 436 28.62 -8.92 -13.09
N VAL A 437 27.86 -8.82 -12.01
CA VAL A 437 28.23 -7.91 -10.93
C VAL A 437 29.41 -8.44 -10.11
N GLY A 438 29.57 -9.76 -10.02
CA GLY A 438 30.78 -10.36 -9.49
C GLY A 438 30.80 -10.60 -7.99
N HIS A 439 29.82 -10.09 -7.25
CA HIS A 439 29.87 -10.16 -5.79
C HIS A 439 29.88 -11.60 -5.31
N ARG A 440 30.71 -11.88 -4.32
CA ARG A 440 30.84 -13.20 -3.72
C ARG A 440 30.03 -13.26 -2.44
N PHE A 441 29.32 -14.37 -2.24
CA PHE A 441 28.47 -14.56 -1.07
C PHE A 441 28.90 -15.82 -0.34
N CYS A 442 29.41 -15.64 0.88
CA CYS A 442 29.73 -16.76 1.75
C CYS A 442 28.54 -17.68 1.92
N LYS A 443 28.80 -18.96 2.15
CA LYS A 443 27.74 -19.93 2.32
C LYS A 443 27.99 -20.88 3.48
N ASP A 444 28.96 -20.59 4.36
CA ASP A 444 29.25 -21.49 5.47
C ASP A 444 28.26 -21.33 6.62
N PHE A 445 27.53 -20.22 6.67
CA PHE A 445 26.48 -20.00 7.63
C PHE A 445 25.36 -19.23 6.95
N PRO A 446 24.11 -19.43 7.39
CA PRO A 446 23.01 -18.65 6.81
C PRO A 446 23.07 -17.20 7.23
N GLY A 447 22.94 -16.29 6.25
CA GLY A 447 22.95 -14.87 6.53
C GLY A 447 21.67 -14.41 7.20
N PHE A 448 21.74 -13.18 7.74
CA PHE A 448 20.65 -12.67 8.56
C PHE A 448 19.32 -12.66 7.81
N ILE A 449 19.27 -11.94 6.69
CA ILE A 449 18.03 -11.82 5.92
C ILE A 449 17.65 -13.16 5.29
N PRO A 450 18.54 -13.87 4.58
CA PRO A 450 18.13 -15.16 4.01
C PRO A 450 17.57 -16.14 5.04
N SER A 451 18.15 -16.18 6.24
CA SER A 451 17.62 -17.04 7.30
C SER A 451 16.17 -16.73 7.59
N LEU A 452 15.85 -15.46 7.83
CA LEU A 452 14.47 -15.06 8.11
C LEU A 452 13.59 -15.33 6.90
N LEU A 453 14.06 -14.97 5.69
CA LEU A 453 13.29 -15.22 4.48
C LEU A 453 13.10 -16.71 4.24
N GLY A 454 14.06 -17.53 4.68
CA GLY A 454 13.85 -18.97 4.64
C GLY A 454 12.82 -19.44 5.64
N ASP A 455 12.87 -18.91 6.86
CA ASP A 455 11.91 -19.29 7.89
C ASP A 455 10.49 -18.88 7.53
N LEU A 456 10.35 -17.80 6.74
CA LEU A 456 9.02 -17.34 6.35
C LEU A 456 8.39 -18.26 5.32
N LEU A 457 9.15 -18.62 4.28
CA LEU A 457 8.59 -19.48 3.24
C LEU A 457 8.28 -20.87 3.77
N GLU A 458 9.04 -21.34 4.76
CA GLU A 458 8.69 -22.60 5.41
C GLU A 458 7.45 -22.44 6.28
N GLU A 459 7.34 -21.32 6.98
CA GLU A 459 6.11 -21.02 7.71
C GLU A 459 4.92 -20.95 6.77
N ARG A 460 5.12 -20.40 5.56
CA ARG A 460 4.00 -20.25 4.65
C ARG A 460 3.50 -21.60 4.14
N GLN A 461 4.43 -22.52 3.84
CA GLN A 461 4.02 -23.80 3.28
C GLN A 461 3.33 -24.67 4.33
N LYS A 462 3.80 -24.61 5.58
CA LYS A 462 3.13 -25.33 6.66
C LYS A 462 1.69 -24.83 6.82
N ILE A 463 1.49 -23.53 6.72
CA ILE A 463 0.16 -22.95 6.87
C ILE A 463 -0.78 -23.46 5.79
N LYS A 464 -0.28 -23.54 4.54
CA LYS A 464 -1.14 -24.00 3.44
C LYS A 464 -1.56 -25.45 3.66
N LYS A 465 -0.64 -26.30 4.13
CA LYS A 465 -1.02 -27.67 4.46
C LYS A 465 -1.96 -27.71 5.65
N LYS A 466 -1.77 -26.82 6.62
CA LYS A 466 -2.62 -26.83 7.80
C LYS A 466 -4.05 -26.43 7.47
N MET A 467 -4.25 -25.53 6.50
CA MET A 467 -5.59 -25.03 6.22
C MET A 467 -6.37 -25.93 5.27
N LYS A 468 -5.70 -26.78 4.48
CA LYS A 468 -6.41 -27.76 3.68
C LYS A 468 -7.01 -28.86 4.55
N ALA A 469 -6.32 -29.24 5.63
CA ALA A 469 -6.79 -30.33 6.49
C ALA A 469 -7.90 -29.88 7.45
N THR A 470 -7.78 -28.69 8.03
CA THR A 470 -8.75 -28.25 9.04
C THR A 470 -10.13 -28.04 8.41
N ILE A 471 -11.15 -28.32 9.22
CA ILE A 471 -12.54 -28.15 8.80
C ILE A 471 -13.19 -27.18 9.77
N ASP A 472 -12.59 -26.00 9.91
CA ASP A 472 -13.09 -24.92 10.75
C ASP A 472 -13.02 -23.65 9.92
N PRO A 473 -14.15 -22.99 9.65
CA PRO A 473 -14.10 -21.77 8.82
C PRO A 473 -13.21 -20.69 9.40
N ILE A 474 -13.27 -20.49 10.72
CA ILE A 474 -12.52 -19.39 11.34
C ILE A 474 -11.02 -19.62 11.20
N GLU A 475 -10.55 -20.79 11.66
CA GLU A 475 -9.13 -21.10 11.61
C GLU A 475 -8.57 -20.96 10.21
N ARG A 476 -9.29 -21.49 9.22
CA ARG A 476 -8.84 -21.40 7.83
C ARG A 476 -8.72 -19.95 7.38
N LYS A 477 -9.80 -19.18 7.54
CA LYS A 477 -9.80 -17.79 7.11
C LYS A 477 -8.65 -17.01 7.74
N LEU A 478 -8.37 -17.24 9.02
CA LEU A 478 -7.21 -16.64 9.64
C LEU A 478 -5.92 -17.11 8.99
N LEU A 479 -5.74 -18.43 8.87
CA LEU A 479 -4.54 -18.97 8.25
C LEU A 479 -4.38 -18.46 6.83
N ASP A 480 -5.48 -18.34 6.08
CA ASP A 480 -5.40 -17.86 4.71
C ASP A 480 -4.79 -16.46 4.66
N TYR A 481 -5.26 -15.57 5.53
CA TYR A 481 -4.74 -14.21 5.54
C TYR A 481 -3.27 -14.19 5.95
N ARG A 482 -2.90 -15.01 6.93
CA ARG A 482 -1.50 -15.08 7.33
C ARG A 482 -0.64 -15.62 6.20
N GLN A 483 -1.10 -16.69 5.54
CA GLN A 483 -0.39 -17.22 4.39
C GLN A 483 -0.25 -16.16 3.29
N ARG A 484 -1.30 -15.36 3.07
CA ARG A 484 -1.24 -14.32 2.05
C ARG A 484 -0.26 -13.21 2.44
N ARG A 485 -0.25 -12.82 3.71
CA ARG A 485 0.60 -11.71 4.13
C ARG A 485 2.08 -12.09 4.10
N ILE A 486 2.41 -13.36 4.28
CA ILE A 486 3.81 -13.78 4.24
C ILE A 486 4.36 -13.69 2.83
N LYS A 487 3.56 -14.13 1.84
CA LYS A 487 3.94 -14.01 0.44
C LYS A 487 4.27 -12.56 0.07
N ILE A 488 3.50 -11.61 0.62
CA ILE A 488 3.75 -10.20 0.35
C ILE A 488 5.02 -9.73 1.06
N LEU A 489 5.23 -10.17 2.30
CA LEU A 489 6.42 -9.76 3.04
C LEU A 489 7.69 -10.37 2.43
N ALA A 490 7.58 -11.56 1.85
CA ALA A 490 8.74 -12.20 1.24
C ALA A 490 9.17 -11.44 -0.03
N ASN A 491 8.21 -11.04 -0.84
CA ASN A 491 8.49 -10.38 -2.11
C ASN A 491 8.86 -8.91 -1.95
N SER A 492 9.01 -8.44 -0.71
CA SER A 492 9.43 -7.08 -0.44
C SER A 492 10.90 -6.96 -0.07
N TYR A 493 11.61 -8.09 0.03
CA TYR A 493 13.00 -8.06 0.48
C TYR A 493 13.93 -7.53 -0.59
N TYR A 494 13.65 -7.82 -1.87
CA TYR A 494 14.49 -7.27 -2.93
C TYR A 494 14.34 -5.76 -3.02
N GLY A 495 13.09 -5.28 -3.11
CA GLY A 495 12.87 -3.85 -3.14
C GLY A 495 13.44 -3.16 -1.92
N TYR A 496 13.41 -3.85 -0.77
CA TYR A 496 14.00 -3.29 0.44
C TYR A 496 15.50 -3.11 0.28
N TYR A 497 16.18 -4.12 -0.26
CA TYR A 497 17.64 -4.08 -0.41
C TYR A 497 18.10 -2.83 -1.14
N GLY A 498 17.38 -2.43 -2.20
CA GLY A 498 17.70 -1.24 -2.96
C GLY A 498 17.01 0.03 -2.49
N TYR A 499 16.28 -0.03 -1.38
CA TYR A 499 15.56 1.13 -0.85
C TYR A 499 16.53 1.98 -0.03
N ALA A 500 16.90 3.14 -0.56
CA ALA A 500 18.00 3.92 0.00
C ALA A 500 17.75 4.36 1.44
N ARG A 501 16.49 4.42 1.88
CA ARG A 501 16.16 4.81 3.23
C ARG A 501 16.26 3.67 4.23
N ALA A 502 16.57 2.46 3.78
CA ALA A 502 16.56 1.30 4.65
C ALA A 502 17.80 1.26 5.53
N ARG A 503 17.64 0.66 6.71
CA ARG A 503 18.80 0.40 7.56
C ARG A 503 19.66 -0.71 6.98
N TRP A 504 19.04 -1.85 6.63
CA TRP A 504 19.73 -2.98 6.04
C TRP A 504 19.82 -2.88 4.52
N TYR A 505 20.03 -1.67 4.01
CA TYR A 505 20.23 -1.46 2.59
C TYR A 505 21.54 -2.11 2.14
N CYS A 506 21.53 -2.67 0.93
CA CYS A 506 22.71 -3.32 0.39
C CYS A 506 22.57 -3.30 -1.13
N LYS A 507 23.12 -2.25 -1.75
CA LYS A 507 23.06 -2.12 -3.20
C LYS A 507 23.63 -3.36 -3.88
N GLU A 508 24.74 -3.89 -3.35
CA GLU A 508 25.32 -5.10 -3.92
C GLU A 508 24.32 -6.26 -3.91
N CYS A 509 23.64 -6.46 -2.78
CA CYS A 509 22.70 -7.56 -2.68
C CYS A 509 21.57 -7.42 -3.68
N ALA A 510 21.04 -6.20 -3.85
CA ALA A 510 19.93 -5.99 -4.76
C ALA A 510 20.32 -6.25 -6.20
N GLU A 511 21.50 -5.80 -6.62
CA GLU A 511 21.92 -6.02 -7.99
C GLU A 511 22.43 -7.43 -8.24
N SER A 512 22.86 -8.14 -7.19
CA SER A 512 23.19 -9.55 -7.36
C SER A 512 21.93 -10.36 -7.63
N VAL A 513 20.83 -10.01 -6.99
CA VAL A 513 19.58 -10.72 -7.22
C VAL A 513 19.09 -10.48 -8.63
N THR A 514 19.14 -9.23 -9.10
CA THR A 514 18.73 -8.93 -10.47
C THR A 514 19.63 -9.63 -11.47
N ALA A 515 20.94 -9.65 -11.21
CA ALA A 515 21.88 -10.31 -12.12
C ALA A 515 21.60 -11.81 -12.19
N TRP A 516 21.42 -12.45 -11.03
CA TRP A 516 21.00 -13.85 -11.02
C TRP A 516 19.65 -14.01 -11.73
N GLY A 517 18.72 -13.10 -11.47
CA GLY A 517 17.44 -13.16 -12.16
C GLY A 517 17.59 -13.09 -13.67
N ARG A 518 18.49 -12.21 -14.15
CA ARG A 518 18.72 -12.11 -15.58
C ARG A 518 19.34 -13.39 -16.13
N GLU A 519 20.35 -13.93 -15.44
CA GLU A 519 21.02 -15.12 -15.93
C GLU A 519 20.06 -16.30 -16.04
N TYR A 520 19.19 -16.47 -15.05
CA TYR A 520 18.32 -17.65 -15.04
C TYR A 520 17.24 -17.56 -16.11
N ILE A 521 16.64 -16.38 -16.30
CA ILE A 521 15.55 -16.29 -17.28
C ILE A 521 16.11 -16.37 -18.69
N THR A 522 17.22 -15.69 -18.98
CA THR A 522 17.78 -15.72 -20.33
C THR A 522 18.36 -17.11 -20.65
N MET A 523 18.98 -17.76 -19.65
CA MET A 523 19.45 -19.13 -19.85
C MET A 523 18.30 -20.06 -20.17
N THR A 524 17.17 -19.91 -19.46
CA THR A 524 16.04 -20.79 -19.69
C THR A 524 15.41 -20.56 -21.07
N ILE A 525 15.34 -19.30 -21.51
CA ILE A 525 14.89 -19.01 -22.87
C ILE A 525 15.70 -19.80 -23.88
N LYS A 526 17.03 -19.72 -23.79
CA LYS A 526 17.88 -20.39 -24.75
C LYS A 526 17.70 -21.90 -24.70
N GLU A 527 17.47 -22.45 -23.50
CA GLU A 527 17.35 -23.90 -23.38
C GLU A 527 16.07 -24.42 -24.03
N ILE A 528 14.96 -23.68 -23.89
CA ILE A 528 13.72 -24.12 -24.51
C ILE A 528 13.69 -23.83 -26.00
N GLU A 529 14.48 -22.86 -26.48
CA GLU A 529 14.53 -22.61 -27.92
C GLU A 529 15.35 -23.66 -28.64
N GLU A 530 16.49 -24.04 -28.07
CA GLU A 530 17.45 -24.89 -28.77
C GLU A 530 17.18 -26.37 -28.55
N LYS A 531 17.04 -26.78 -27.29
CA LYS A 531 16.84 -28.19 -26.98
C LYS A 531 15.42 -28.67 -27.25
N TYR A 532 14.46 -27.76 -27.45
CA TYR A 532 13.07 -28.20 -27.59
C TYR A 532 12.32 -27.48 -28.71
N GLY A 533 12.98 -26.67 -29.52
CA GLY A 533 12.34 -26.09 -30.69
C GLY A 533 11.22 -25.12 -30.40
N PHE A 534 11.12 -24.60 -29.19
CA PHE A 534 10.13 -23.58 -28.90
C PHE A 534 10.54 -22.24 -29.51
N LYS A 535 9.54 -21.37 -29.65
CA LYS A 535 9.76 -19.96 -29.98
C LYS A 535 9.25 -19.13 -28.81
N VAL A 536 10.13 -18.33 -28.22
CA VAL A 536 9.77 -17.49 -27.08
C VAL A 536 9.26 -16.17 -27.61
N ILE A 537 7.95 -15.95 -27.48
CA ILE A 537 7.33 -14.73 -27.99
C ILE A 537 7.65 -13.53 -27.10
N TYR A 538 7.82 -13.75 -25.80
CA TYR A 538 7.88 -12.66 -24.84
C TYR A 538 8.53 -13.18 -23.56
N SER A 539 8.98 -12.23 -22.72
CA SER A 539 9.60 -12.57 -21.44
C SER A 539 9.81 -11.31 -20.63
N ASP A 540 9.22 -11.24 -19.44
CA ASP A 540 9.40 -10.05 -18.60
C ASP A 540 9.90 -10.52 -17.23
N THR A 541 11.22 -10.46 -17.04
CA THR A 541 11.87 -10.54 -15.74
C THR A 541 11.89 -11.95 -15.11
N ASP A 542 10.72 -12.55 -14.88
CA ASP A 542 10.66 -13.82 -14.18
C ASP A 542 9.88 -14.91 -14.90
N GLY A 543 9.39 -14.65 -16.11
CA GLY A 543 8.63 -15.65 -16.83
C GLY A 543 8.65 -15.33 -18.31
N PHE A 544 8.04 -16.22 -19.10
CA PHE A 544 8.03 -16.00 -20.54
C PHE A 544 6.86 -16.73 -21.19
N PHE A 545 6.43 -16.20 -22.32
CA PHE A 545 5.43 -16.81 -23.17
C PHE A 545 6.12 -17.52 -24.32
N ALA A 546 5.72 -18.76 -24.59
CA ALA A 546 6.35 -19.53 -25.65
C ALA A 546 5.32 -20.45 -26.28
N THR A 547 5.69 -20.99 -27.44
CA THR A 547 4.87 -21.92 -28.19
C THR A 547 5.75 -22.58 -29.24
N ILE A 548 5.26 -23.69 -29.76
CA ILE A 548 5.75 -24.20 -31.04
C ILE A 548 4.92 -23.53 -32.13
N PRO A 549 5.56 -22.94 -33.18
CA PRO A 549 4.78 -22.17 -34.16
C PRO A 549 3.61 -22.95 -34.75
N GLY A 550 3.89 -24.14 -35.29
CA GLY A 550 2.84 -24.98 -35.83
C GLY A 550 2.73 -26.32 -35.12
N ALA A 551 1.99 -26.36 -34.01
CA ALA A 551 1.83 -27.60 -33.26
C ALA A 551 0.41 -27.71 -32.74
N ASP A 552 -0.01 -28.95 -32.47
CA ASP A 552 -1.27 -29.17 -31.78
C ASP A 552 -1.24 -28.47 -30.44
N ALA A 553 -2.43 -28.13 -29.93
CA ALA A 553 -2.53 -27.61 -28.57
C ALA A 553 -2.02 -28.62 -27.56
N GLU A 554 -2.15 -29.91 -27.86
CA GLU A 554 -1.67 -30.93 -26.95
C GLU A 554 -0.17 -31.13 -27.04
N THR A 555 0.40 -30.97 -28.23
CA THR A 555 1.85 -31.16 -28.39
C THR A 555 2.62 -30.12 -27.61
N VAL A 556 2.20 -28.85 -27.67
CA VAL A 556 2.93 -27.79 -26.99
C VAL A 556 2.87 -27.99 -25.48
N LYS A 557 1.72 -28.41 -24.96
CA LYS A 557 1.58 -28.71 -23.54
C LYS A 557 2.53 -29.83 -23.12
N LYS A 558 2.44 -30.98 -23.79
CA LYS A 558 3.28 -32.13 -23.47
C LYS A 558 4.76 -31.73 -23.41
N LYS A 559 5.25 -31.08 -24.47
CA LYS A 559 6.65 -30.67 -24.50
C LYS A 559 6.95 -29.65 -23.42
N ALA A 560 5.97 -28.83 -23.05
CA ALA A 560 6.19 -27.86 -21.97
C ALA A 560 6.47 -28.58 -20.65
N MET A 561 5.66 -29.58 -20.32
CA MET A 561 5.90 -30.35 -19.10
C MET A 561 7.24 -31.08 -19.18
N GLU A 562 7.52 -31.72 -20.32
CA GLU A 562 8.80 -32.42 -20.46
C GLU A 562 9.98 -31.46 -20.34
N PHE A 563 9.81 -30.21 -20.77
CA PHE A 563 10.90 -29.25 -20.65
C PHE A 563 11.07 -28.81 -19.21
N LEU A 564 9.96 -28.67 -18.47
CA LEU A 564 10.04 -28.25 -17.07
C LEU A 564 10.84 -29.23 -16.22
N LYS A 565 10.60 -30.53 -16.41
CA LYS A 565 11.38 -31.56 -15.71
C LYS A 565 12.85 -31.47 -16.07
N TYR A 566 13.18 -31.02 -17.27
CA TYR A 566 14.56 -30.97 -17.72
C TYR A 566 15.35 -29.86 -17.03
N ILE A 567 14.81 -28.64 -17.03
CA ILE A 567 15.55 -27.50 -16.47
C ILE A 567 15.59 -27.57 -14.96
N ASN A 568 14.49 -27.98 -14.33
CA ASN A 568 14.44 -28.02 -12.87
C ASN A 568 15.46 -28.99 -12.28
N ALA A 569 15.92 -29.97 -13.08
CA ALA A 569 17.07 -30.74 -12.65
C ALA A 569 18.34 -29.89 -12.62
N LYS A 570 18.47 -28.98 -13.59
CA LYS A 570 19.67 -28.14 -13.69
C LYS A 570 19.63 -26.93 -12.77
N LEU A 571 18.45 -26.50 -12.34
CA LEU A 571 18.35 -25.31 -11.50
C LEU A 571 18.75 -25.64 -10.06
N PRO A 572 19.55 -24.78 -9.42
CA PRO A 572 20.03 -25.09 -8.06
C PRO A 572 19.02 -24.72 -6.99
N GLY A 573 18.78 -25.65 -6.08
CA GLY A 573 18.09 -25.34 -4.84
C GLY A 573 16.65 -24.88 -5.03
N ALA A 574 16.31 -23.74 -4.43
CA ALA A 574 14.94 -23.24 -4.43
C ALA A 574 14.48 -22.80 -5.82
N LEU A 575 15.40 -22.45 -6.72
CA LEU A 575 15.01 -22.01 -8.04
C LEU A 575 14.19 -23.09 -8.76
N GLU A 576 12.98 -22.72 -9.17
CA GLU A 576 12.06 -23.68 -9.74
C GLU A 576 11.27 -22.98 -10.84
N LEU A 577 10.96 -23.72 -11.90
CA LEU A 577 10.11 -23.21 -12.97
C LEU A 577 8.81 -24.00 -12.99
N GLU A 578 7.70 -23.31 -13.17
CA GLU A 578 6.38 -23.92 -13.07
C GLU A 578 5.51 -23.56 -14.27
N TYR A 579 4.51 -24.41 -14.50
CA TYR A 579 3.56 -24.27 -15.60
C TYR A 579 2.44 -23.35 -15.12
N GLU A 580 2.47 -22.08 -15.57
CA GLU A 580 1.47 -21.13 -15.11
C GLU A 580 0.12 -21.40 -15.75
N GLY A 581 0.08 -21.65 -17.06
CA GLY A 581 -1.18 -21.93 -17.71
C GLY A 581 -1.03 -21.91 -19.22
N PHE A 582 -2.07 -22.42 -19.88
CA PHE A 582 -2.13 -22.50 -21.32
C PHE A 582 -3.21 -21.56 -21.84
N TYR A 583 -2.91 -20.87 -22.94
CA TYR A 583 -3.77 -19.83 -23.47
C TYR A 583 -3.99 -20.04 -24.96
N LYS A 584 -5.25 -20.00 -25.38
CA LYS A 584 -5.58 -20.36 -26.75
C LYS A 584 -5.09 -19.31 -27.73
N ARG A 585 -5.12 -18.04 -27.35
CA ARG A 585 -4.61 -16.97 -28.20
C ARG A 585 -4.03 -15.86 -27.33
N GLY A 586 -3.33 -14.93 -27.98
CA GLY A 586 -2.77 -13.78 -27.29
C GLY A 586 -2.12 -12.78 -28.23
N PHE A 587 -2.31 -11.50 -27.95
CA PHE A 587 -1.70 -10.44 -28.74
C PHE A 587 -0.64 -9.72 -27.93
N PHE A 588 0.41 -9.26 -28.63
CA PHE A 588 1.58 -8.67 -27.98
C PHE A 588 1.94 -7.40 -28.76
N VAL A 589 1.55 -6.24 -28.23
CA VAL A 589 1.74 -5.01 -29.00
C VAL A 589 3.19 -4.51 -28.86
N THR A 590 3.78 -4.63 -27.69
CA THR A 590 5.14 -4.15 -27.43
C THR A 590 5.57 -4.67 -26.06
N LYS A 591 6.79 -4.30 -25.67
CA LYS A 591 7.29 -4.64 -24.35
C LYS A 591 6.42 -4.01 -23.27
N LYS A 592 6.04 -4.80 -22.26
CA LYS A 592 5.23 -4.46 -21.09
C LYS A 592 3.74 -4.42 -21.39
N LYS A 593 3.29 -4.74 -22.61
CA LYS A 593 1.89 -4.56 -22.98
C LYS A 593 1.42 -5.73 -23.84
N TYR A 594 0.47 -6.51 -23.32
CA TYR A 594 -0.09 -7.65 -24.03
C TYR A 594 -1.39 -8.05 -23.35
N ALA A 595 -2.02 -9.11 -23.89
CA ALA A 595 -3.25 -9.64 -23.33
C ALA A 595 -3.46 -11.04 -23.87
N VAL A 596 -3.94 -11.95 -23.01
CA VAL A 596 -4.13 -13.34 -23.38
C VAL A 596 -5.46 -13.85 -22.80
N ILE A 597 -6.02 -14.85 -23.48
CA ILE A 597 -7.25 -15.52 -23.04
C ILE A 597 -6.92 -16.97 -22.77
N ASP A 598 -7.48 -17.53 -21.70
CA ASP A 598 -7.24 -18.92 -21.37
C ASP A 598 -8.15 -19.80 -22.22
N GLU A 599 -8.26 -21.08 -21.85
CA GLU A 599 -9.21 -21.96 -22.53
C GLU A 599 -10.65 -21.59 -22.21
N GLU A 600 -11.01 -21.58 -20.92
CA GLU A 600 -12.38 -21.33 -20.46
C GLU A 600 -13.00 -20.05 -21.02
N GLY A 601 -12.20 -19.22 -21.68
CA GLY A 601 -12.69 -17.97 -22.22
C GLY A 601 -12.52 -16.78 -21.30
N LYS A 602 -11.49 -16.78 -20.46
CA LYS A 602 -11.23 -15.68 -19.54
C LYS A 602 -10.03 -14.88 -20.05
N ILE A 603 -10.24 -13.58 -20.24
CA ILE A 603 -9.18 -12.68 -20.67
C ILE A 603 -8.39 -12.22 -19.45
N THR A 604 -7.12 -11.88 -19.68
CA THR A 604 -6.31 -11.18 -18.71
C THR A 604 -5.40 -10.20 -19.47
N THR A 605 -5.28 -8.98 -18.95
CA THR A 605 -4.60 -7.91 -19.65
C THR A 605 -3.50 -7.34 -18.78
N ARG A 606 -2.42 -6.89 -19.42
CA ARG A 606 -1.22 -6.39 -18.73
C ARG A 606 -0.71 -5.15 -19.43
N GLY A 607 -0.58 -4.06 -18.68
CA GLY A 607 0.11 -2.87 -19.14
C GLY A 607 -0.66 -2.05 -20.15
N LEU A 608 -1.60 -2.68 -20.83
CA LEU A 608 -2.37 -1.99 -21.86
C LEU A 608 -3.20 -0.87 -21.24
N GLU A 609 -3.67 0.02 -22.11
CA GLU A 609 -4.46 1.17 -21.67
C GLU A 609 -5.69 0.75 -20.89
N ILE A 610 -6.13 -0.51 -21.04
CA ILE A 610 -7.25 -1.02 -20.26
C ILE A 610 -6.93 -0.99 -18.78
N VAL A 611 -5.65 -1.14 -18.42
CA VAL A 611 -5.24 -1.20 -17.02
C VAL A 611 -5.00 0.18 -16.42
N ARG A 612 -4.63 1.17 -17.25
CA ARG A 612 -4.17 2.45 -16.76
C ARG A 612 -5.35 3.34 -16.34
N ARG A 613 -5.12 4.15 -15.30
CA ARG A 613 -6.14 5.08 -14.86
C ARG A 613 -6.18 6.36 -15.68
N ASP A 614 -5.12 6.65 -16.46
CA ASP A 614 -5.03 7.87 -17.23
C ASP A 614 -5.60 7.72 -18.64
N TRP A 615 -6.60 6.86 -18.81
CA TRP A 615 -7.29 6.72 -20.09
C TRP A 615 -8.78 6.68 -19.83
N SER A 616 -9.53 7.25 -20.77
CA SER A 616 -10.98 7.34 -20.64
C SER A 616 -11.61 5.95 -20.69
N GLU A 617 -12.80 5.83 -20.10
CA GLU A 617 -13.53 4.57 -20.16
C GLU A 617 -13.91 4.20 -21.59
N ILE A 618 -14.07 5.19 -22.47
CA ILE A 618 -14.42 4.90 -23.85
C ILE A 618 -13.22 4.33 -24.62
N ALA A 619 -11.99 4.70 -24.23
CA ALA A 619 -10.83 4.12 -24.88
C ALA A 619 -10.51 2.74 -24.29
N LYS A 620 -10.73 2.57 -22.99
CA LYS A 620 -10.52 1.28 -22.37
C LYS A 620 -11.59 0.27 -22.78
N GLU A 621 -12.84 0.72 -22.84
CA GLU A 621 -13.93 -0.20 -23.20
C GLU A 621 -13.74 -0.74 -24.61
N THR A 622 -13.52 0.14 -25.58
CA THR A 622 -13.43 -0.31 -26.97
C THR A 622 -12.15 -1.10 -27.22
N GLN A 623 -11.06 -0.75 -26.54
CA GLN A 623 -9.84 -1.56 -26.66
C GLN A 623 -10.06 -2.96 -26.13
N ALA A 624 -10.78 -3.08 -25.01
CA ALA A 624 -11.20 -4.40 -24.54
C ALA A 624 -12.12 -5.06 -25.54
N ARG A 625 -12.99 -4.26 -26.20
CA ARG A 625 -13.97 -4.82 -27.11
C ARG A 625 -13.33 -5.45 -28.34
N VAL A 626 -12.36 -4.76 -28.96
CA VAL A 626 -11.70 -5.34 -30.12
C VAL A 626 -10.97 -6.63 -29.73
N LEU A 627 -10.43 -6.68 -28.51
CA LEU A 627 -9.68 -7.85 -28.09
C LEU A 627 -10.59 -9.03 -27.79
N GLU A 628 -11.75 -8.76 -27.17
CA GLU A 628 -12.67 -9.85 -26.83
C GLU A 628 -13.09 -10.62 -28.06
N ALA A 629 -13.37 -9.94 -29.16
CA ALA A 629 -13.71 -10.58 -30.42
C ALA A 629 -12.58 -11.50 -30.88
N LEU A 630 -11.46 -10.91 -31.31
CA LEU A 630 -10.42 -11.68 -31.98
C LEU A 630 -9.67 -12.64 -31.07
N LEU A 631 -9.92 -12.62 -29.76
CA LEU A 631 -9.38 -13.66 -28.90
C LEU A 631 -10.37 -14.79 -28.69
N LYS A 632 -11.67 -14.51 -28.77
CA LYS A 632 -12.70 -15.53 -28.63
C LYS A 632 -13.06 -16.19 -29.96
N ASP A 633 -13.09 -15.41 -31.05
CA ASP A 633 -13.40 -15.99 -32.36
C ASP A 633 -12.48 -15.48 -33.47
N GLY A 634 -11.45 -14.70 -33.16
CA GLY A 634 -10.48 -14.30 -34.16
C GLY A 634 -11.06 -13.46 -35.28
N ASP A 635 -12.07 -12.64 -34.99
CA ASP A 635 -12.83 -11.95 -36.03
C ASP A 635 -12.24 -10.57 -36.26
N VAL A 636 -11.33 -10.48 -37.23
CA VAL A 636 -10.73 -9.22 -37.62
C VAL A 636 -11.82 -8.20 -37.98
N GLU A 637 -12.79 -8.62 -38.80
CA GLU A 637 -13.82 -7.69 -39.24
C GLU A 637 -14.66 -7.20 -38.08
N LYS A 638 -14.91 -8.04 -37.08
CA LYS A 638 -15.60 -7.55 -35.89
C LYS A 638 -14.76 -6.51 -35.15
N ALA A 639 -13.44 -6.58 -35.27
CA ALA A 639 -12.58 -5.63 -34.59
C ALA A 639 -12.56 -4.26 -35.26
N VAL A 640 -12.92 -4.18 -36.53
CA VAL A 640 -13.01 -2.91 -37.24
C VAL A 640 -14.44 -2.38 -37.27
N ARG A 641 -15.42 -3.27 -37.50
CA ARG A 641 -16.82 -2.85 -37.45
C ARG A 641 -17.21 -2.31 -36.07
N ILE A 642 -16.46 -2.68 -35.03
CA ILE A 642 -16.73 -2.20 -33.69
C ILE A 642 -16.08 -0.86 -33.41
N VAL A 643 -14.92 -0.57 -34.02
CA VAL A 643 -14.33 0.76 -33.89
C VAL A 643 -15.13 1.76 -34.71
N LYS A 644 -15.46 1.39 -35.95
CA LYS A 644 -16.17 2.31 -36.83
C LYS A 644 -17.52 2.72 -36.25
N GLU A 645 -18.13 1.87 -35.42
CA GLU A 645 -19.37 2.27 -34.77
C GLU A 645 -19.12 3.23 -33.62
N VAL A 646 -17.96 3.12 -32.97
CA VAL A 646 -17.66 3.99 -31.84
C VAL A 646 -17.20 5.37 -32.30
N THR A 647 -16.44 5.44 -33.39
CA THR A 647 -16.01 6.75 -33.89
C THR A 647 -17.20 7.55 -34.44
N GLU A 648 -18.17 6.88 -35.07
CA GLU A 648 -19.39 7.57 -35.48
C GLU A 648 -20.18 8.02 -34.26
N LYS A 649 -20.32 7.13 -33.27
CA LYS A 649 -21.04 7.47 -32.05
C LYS A 649 -20.39 8.67 -31.36
N LEU A 650 -19.05 8.71 -31.32
CA LEU A 650 -18.35 9.85 -30.73
C LEU A 650 -18.55 11.11 -31.57
N SER A 651 -18.60 10.98 -32.89
CA SER A 651 -18.85 12.14 -33.74
C SER A 651 -20.25 12.71 -33.52
N LYS A 652 -21.24 11.85 -33.29
CA LYS A 652 -22.61 12.28 -33.07
C LYS A 652 -22.92 12.55 -31.60
N TYR A 653 -21.89 12.64 -30.76
CA TYR A 653 -22.01 13.02 -29.35
C TYR A 653 -22.97 12.15 -28.57
N GLU A 654 -23.29 10.96 -29.08
CA GLU A 654 -24.20 10.05 -28.40
C GLU A 654 -23.54 9.31 -27.25
N VAL A 655 -22.22 9.38 -27.14
CA VAL A 655 -21.51 8.63 -26.10
C VAL A 655 -21.60 9.39 -24.77
N PRO A 656 -22.03 8.75 -23.69
CA PRO A 656 -22.21 9.47 -22.44
C PRO A 656 -20.89 10.06 -21.96
N PRO A 657 -20.94 11.20 -21.25
CA PRO A 657 -19.70 11.81 -20.76
C PRO A 657 -18.98 10.99 -19.71
N GLU A 658 -19.71 10.19 -18.92
CA GLU A 658 -19.09 9.39 -17.85
C GLU A 658 -18.03 8.43 -18.37
N LYS A 659 -17.98 8.20 -19.69
CA LYS A 659 -16.94 7.39 -20.31
C LYS A 659 -15.83 8.22 -20.93
N LEU A 660 -15.79 9.52 -20.63
CA LEU A 660 -14.79 10.41 -21.22
C LEU A 660 -13.88 11.03 -20.17
N VAL A 661 -13.81 10.45 -18.99
CA VAL A 661 -13.07 11.04 -17.88
C VAL A 661 -11.64 10.51 -17.88
N ILE A 662 -10.70 11.41 -17.63
CA ILE A 662 -9.28 11.08 -17.54
C ILE A 662 -8.82 11.35 -16.12
N HIS A 663 -8.20 10.36 -15.49
CA HIS A 663 -7.79 10.44 -14.09
C HIS A 663 -6.26 10.37 -14.02
N ILE A 664 -5.63 11.48 -13.60
CA ILE A 664 -4.19 11.48 -13.36
C ILE A 664 -3.91 12.04 -11.96
N GLN A 665 -2.99 11.38 -11.28
CA GLN A 665 -2.65 11.71 -9.90
C GLN A 665 -1.73 12.92 -9.83
N ILE A 666 -1.85 13.68 -8.76
CA ILE A 666 -0.89 14.73 -8.43
C ILE A 666 0.20 14.11 -7.57
N THR A 667 1.45 14.22 -8.01
CA THR A 667 2.55 13.54 -7.34
C THR A 667 3.36 14.43 -6.40
N ARG A 668 3.08 15.72 -6.35
CA ARG A 668 3.84 16.64 -5.50
C ARG A 668 3.01 17.91 -5.31
N ASP A 669 3.58 18.85 -4.55
CA ASP A 669 2.93 20.14 -4.39
C ASP A 669 2.89 20.89 -5.71
N LEU A 670 1.78 21.59 -5.96
CA LEU A 670 1.60 22.25 -7.24
C LEU A 670 2.67 23.30 -7.51
N LYS A 671 3.07 24.04 -6.46
CA LYS A 671 4.09 25.07 -6.61
C LYS A 671 5.37 24.52 -7.22
N ASP A 672 5.66 23.24 -7.00
CA ASP A 672 6.87 22.65 -7.57
C ASP A 672 6.74 22.49 -9.08
N TYR A 673 5.74 21.69 -9.52
CA TYR A 673 5.53 21.25 -10.90
C TYR A 673 6.23 22.09 -11.96
N LYS A 674 7.22 21.49 -12.63
CA LYS A 674 8.00 22.21 -13.63
C LYS A 674 7.22 22.33 -14.94
N ALA A 675 6.57 21.26 -15.38
CA ALA A 675 5.69 21.29 -16.55
C ALA A 675 4.26 21.12 -16.11
N THR A 676 3.38 21.99 -16.59
CA THR A 676 1.98 21.97 -16.19
C THR A 676 1.14 21.41 -17.34
N GLY A 677 0.96 20.08 -17.33
CA GLY A 677 0.07 19.41 -18.24
C GLY A 677 -1.39 19.64 -17.91
N PRO A 678 -2.27 18.83 -18.49
CA PRO A 678 -3.71 19.06 -18.28
C PRO A 678 -4.18 18.79 -16.85
N HIS A 679 -3.67 17.75 -16.19
CA HIS A 679 -4.22 17.43 -14.88
C HIS A 679 -3.77 18.45 -13.83
N VAL A 680 -2.52 18.90 -13.89
CA VAL A 680 -2.06 19.89 -12.93
C VAL A 680 -2.72 21.23 -13.19
N ALA A 681 -2.93 21.57 -14.47
CA ALA A 681 -3.60 22.82 -14.81
C ALA A 681 -4.98 22.89 -14.16
N VAL A 682 -5.69 21.76 -14.14
CA VAL A 682 -6.95 21.70 -13.42
C VAL A 682 -6.73 21.83 -11.92
N ALA A 683 -5.75 21.11 -11.39
CA ALA A 683 -5.39 21.23 -9.98
C ALA A 683 -5.14 22.68 -9.60
N LYS A 684 -4.43 23.40 -10.46
CA LYS A 684 -3.98 24.74 -10.10
C LYS A 684 -5.17 25.68 -9.92
N ARG A 685 -6.08 25.72 -10.91
CA ARG A 685 -7.26 26.57 -10.77
C ARG A 685 -8.07 26.17 -9.55
N LEU A 686 -8.26 24.86 -9.34
CA LEU A 686 -8.91 24.37 -8.13
C LEU A 686 -8.20 24.90 -6.88
N ALA A 687 -6.87 24.78 -6.86
CA ALA A 687 -6.10 25.31 -5.74
C ALA A 687 -6.24 26.83 -5.62
N ALA A 688 -6.42 27.53 -6.74
CA ALA A 688 -6.67 28.96 -6.68
C ALA A 688 -8.01 29.26 -6.01
N ARG A 689 -9.00 28.40 -6.22
CA ARG A 689 -10.22 28.46 -5.44
C ARG A 689 -9.97 27.88 -4.06
N GLY A 690 -11.03 27.47 -3.35
CA GLY A 690 -10.85 27.04 -1.98
C GLY A 690 -10.10 25.73 -1.85
N VAL A 691 -10.41 24.76 -2.71
CA VAL A 691 -10.02 23.37 -2.47
C VAL A 691 -8.50 23.23 -2.43
N LYS A 692 -8.03 22.35 -1.54
CA LYS A 692 -6.61 22.10 -1.34
C LYS A 692 -6.19 20.84 -2.08
N ILE A 693 -5.01 20.87 -2.69
CA ILE A 693 -4.50 19.75 -3.47
C ILE A 693 -3.23 19.26 -2.80
N ARG A 694 -3.26 18.02 -2.29
CA ARG A 694 -2.12 17.40 -1.67
C ARG A 694 -1.61 16.22 -2.51
N PRO A 695 -0.32 15.89 -2.42
CA PRO A 695 0.21 14.74 -3.18
C PRO A 695 -0.55 13.45 -2.91
N GLY A 696 -1.18 12.92 -3.95
CA GLY A 696 -2.08 11.78 -3.85
C GLY A 696 -3.48 12.09 -4.36
N THR A 697 -3.86 13.36 -4.35
CA THR A 697 -5.14 13.79 -4.93
C THR A 697 -5.23 13.33 -6.38
N VAL A 698 -6.35 12.69 -6.72
CA VAL A 698 -6.58 12.15 -8.05
C VAL A 698 -7.57 13.07 -8.76
N ILE A 699 -7.11 13.70 -9.83
CA ILE A 699 -7.92 14.66 -10.58
C ILE A 699 -8.64 13.93 -11.70
N SER A 700 -9.95 14.14 -11.78
CA SER A 700 -10.78 13.55 -12.81
C SER A 700 -11.26 14.69 -13.72
N TYR A 701 -10.63 14.83 -14.88
CA TYR A 701 -10.93 15.93 -15.79
C TYR A 701 -11.48 15.42 -17.11
N ILE A 702 -12.00 16.37 -17.89
CA ILE A 702 -12.63 16.10 -19.18
C ILE A 702 -12.25 17.22 -20.13
N VAL A 703 -12.32 16.93 -21.43
CA VAL A 703 -11.82 17.83 -22.45
C VAL A 703 -13.01 18.37 -23.25
N LEU A 704 -13.10 19.69 -23.35
CA LEU A 704 -14.16 20.36 -24.08
C LEU A 704 -13.64 20.86 -25.42
N LYS A 705 -14.56 21.02 -26.38
CA LYS A 705 -14.17 21.36 -27.74
C LYS A 705 -13.38 22.67 -27.76
N GLY A 706 -12.20 22.63 -28.34
CA GLY A 706 -11.34 23.79 -28.36
C GLY A 706 -10.10 23.56 -29.19
N SER A 707 -9.10 24.41 -28.97
CA SER A 707 -7.90 24.41 -29.79
C SER A 707 -6.67 24.53 -28.90
N GLY A 708 -5.50 24.26 -29.49
CA GLY A 708 -4.26 24.44 -28.79
C GLY A 708 -4.04 23.41 -27.69
N ARG A 709 -3.36 23.84 -26.62
CA ARG A 709 -3.00 22.92 -25.56
C ARG A 709 -4.24 22.50 -24.76
N ILE A 710 -4.28 21.22 -24.40
CA ILE A 710 -5.50 20.64 -23.84
C ILE A 710 -5.82 21.21 -22.46
N GLY A 711 -4.79 21.65 -21.73
CA GLY A 711 -5.01 22.09 -20.36
C GLY A 711 -5.99 23.25 -20.27
N ASP A 712 -5.92 24.18 -21.23
CA ASP A 712 -6.85 25.30 -21.23
C ASP A 712 -8.29 24.82 -21.38
N ARG A 713 -8.52 23.80 -22.19
CA ARG A 713 -9.85 23.31 -22.50
C ARG A 713 -10.30 22.20 -21.56
N ALA A 714 -9.63 22.02 -20.42
CA ALA A 714 -9.95 20.96 -19.48
C ALA A 714 -10.63 21.53 -18.25
N ILE A 715 -11.57 20.75 -17.71
CA ILE A 715 -12.25 21.09 -16.46
C ILE A 715 -12.41 19.82 -15.64
N PRO A 716 -12.59 19.94 -14.31
CA PRO A 716 -12.93 18.76 -13.52
C PRO A 716 -14.29 18.22 -13.91
N PHE A 717 -14.40 16.89 -13.95
CA PHE A 717 -15.63 16.26 -14.41
C PHE A 717 -16.82 16.59 -13.52
N ASP A 718 -16.60 16.95 -12.27
CA ASP A 718 -17.71 17.34 -11.40
C ASP A 718 -18.42 18.59 -11.93
N GLU A 719 -17.64 19.55 -12.44
CA GLU A 719 -18.21 20.78 -12.98
C GLU A 719 -18.80 20.62 -14.37
N PHE A 720 -18.71 19.44 -14.98
CA PHE A 720 -19.26 19.27 -16.31
C PHE A 720 -20.78 19.32 -16.28
N ASP A 721 -21.34 20.19 -17.11
CA ASP A 721 -22.79 20.30 -17.29
C ASP A 721 -23.07 20.14 -18.78
N PRO A 722 -23.84 19.15 -19.19
CA PRO A 722 -24.14 19.00 -20.62
C PRO A 722 -24.86 20.20 -21.21
N THR A 723 -25.58 20.97 -20.40
CA THR A 723 -26.28 22.15 -20.90
C THR A 723 -25.36 23.34 -21.13
N LYS A 724 -24.21 23.39 -20.45
CA LYS A 724 -23.28 24.51 -20.59
C LYS A 724 -21.92 24.11 -21.15
N HIS A 725 -21.69 22.82 -21.41
CA HIS A 725 -20.40 22.35 -21.88
C HIS A 725 -20.61 21.31 -22.99
N LYS A 726 -19.63 21.25 -23.89
CA LYS A 726 -19.64 20.31 -25.01
C LYS A 726 -18.27 19.65 -25.09
N TYR A 727 -18.24 18.32 -25.10
CA TYR A 727 -16.97 17.64 -25.04
C TYR A 727 -16.32 17.54 -26.41
N ASP A 728 -15.00 17.45 -26.42
CA ASP A 728 -14.21 17.41 -27.65
C ASP A 728 -14.20 15.99 -28.18
N ALA A 729 -15.15 15.70 -29.09
CA ALA A 729 -15.15 14.40 -29.75
C ALA A 729 -13.83 14.13 -30.45
N GLU A 730 -13.25 15.15 -31.10
CA GLU A 730 -12.05 14.95 -31.88
C GLU A 730 -10.86 14.56 -31.01
N TYR A 731 -10.73 15.15 -29.82
CA TYR A 731 -9.66 14.75 -28.92
C TYR A 731 -9.82 13.29 -28.51
N TYR A 732 -11.04 12.88 -28.17
CA TYR A 732 -11.28 11.51 -27.74
C TYR A 732 -11.27 10.51 -28.89
N ILE A 733 -11.43 10.98 -30.13
CA ILE A 733 -11.23 10.09 -31.27
C ILE A 733 -9.76 10.06 -31.71
N GLU A 734 -9.12 11.22 -31.78
CA GLU A 734 -7.74 11.29 -32.30
C GLU A 734 -6.67 11.03 -31.26
N ASN A 735 -6.97 11.24 -29.97
CA ASN A 735 -5.97 11.02 -28.94
C ASN A 735 -6.29 9.87 -27.99
N GLN A 736 -7.56 9.48 -27.86
CA GLN A 736 -7.94 8.44 -26.92
C GLN A 736 -8.21 7.11 -27.63
N VAL A 737 -9.27 7.04 -28.43
CA VAL A 737 -9.68 5.78 -29.05
C VAL A 737 -8.66 5.36 -30.11
N LEU A 738 -8.64 6.07 -31.25
CA LEU A 738 -7.79 5.68 -32.36
C LEU A 738 -6.35 5.37 -31.98
N PRO A 739 -5.65 6.17 -31.16
CA PRO A 739 -4.30 5.75 -30.76
C PRO A 739 -4.26 4.42 -30.03
N ALA A 740 -5.23 4.17 -29.15
CA ALA A 740 -5.23 2.92 -28.39
C ALA A 740 -5.56 1.72 -29.28
N VAL A 741 -6.55 1.86 -30.16
CA VAL A 741 -6.96 0.73 -30.99
C VAL A 741 -6.06 0.55 -32.21
N GLU A 742 -5.37 1.59 -32.68
CA GLU A 742 -4.54 1.44 -33.87
C GLU A 742 -3.35 0.51 -33.62
N ARG A 743 -2.69 0.67 -32.47
CA ARG A 743 -1.47 -0.09 -32.20
C ARG A 743 -1.72 -1.59 -32.30
N ILE A 744 -2.86 -2.05 -31.78
CA ILE A 744 -3.27 -3.43 -31.99
C ILE A 744 -3.44 -3.71 -33.47
N LEU A 745 -4.33 -2.97 -34.12
CA LEU A 745 -4.65 -3.21 -35.53
C LEU A 745 -3.50 -2.90 -36.47
N ARG A 746 -2.45 -2.21 -36.00
CA ARG A 746 -1.24 -2.05 -36.80
C ARG A 746 -0.48 -3.38 -36.81
N ALA A 747 -1.22 -4.47 -36.96
CA ALA A 747 -0.71 -5.80 -37.30
C ALA A 747 -1.49 -6.46 -38.43
N PHE A 748 -2.77 -6.16 -38.63
CA PHE A 748 -3.49 -6.51 -39.84
C PHE A 748 -3.33 -5.45 -40.92
N GLY A 749 -2.34 -4.56 -40.77
CA GLY A 749 -2.06 -3.52 -41.73
C GLY A 749 -2.95 -2.31 -41.68
N TYR A 750 -3.92 -2.27 -40.75
CA TYR A 750 -4.85 -1.15 -40.69
C TYR A 750 -4.10 0.13 -40.35
N ARG A 751 -4.52 1.21 -40.99
CA ARG A 751 -3.90 2.52 -40.86
C ARG A 751 -4.97 3.52 -40.45
N LYS A 752 -4.62 4.41 -39.52
CA LYS A 752 -5.53 5.32 -38.83
C LYS A 752 -6.63 5.88 -39.74
N GLU A 753 -6.31 6.12 -41.02
CA GLU A 753 -7.32 6.59 -41.96
C GLU A 753 -8.40 5.57 -42.21
N ASP A 754 -8.08 4.27 -42.12
CA ASP A 754 -9.02 3.20 -42.41
C ASP A 754 -9.96 2.89 -41.25
N LEU A 755 -9.95 3.72 -40.21
CA LEU A 755 -10.74 3.45 -39.00
C LEU A 755 -11.74 4.53 -38.67
N ARG A 756 -11.36 5.80 -38.77
CA ARG A 756 -12.25 6.90 -38.45
C ARG A 756 -13.17 7.22 -39.61
C2 9O4 C 12 9.51 -4.03 -10.87
C4 9O4 C 12 8.21 -5.92 -11.58
C5 9O4 C 12 7.19 -5.11 -10.78
C6 9O4 C 12 7.37 -4.10 -10.25
C1' 9O4 C 12 7.90 -8.09 -12.77
C2' 9O4 C 12 7.09 -9.29 -12.58
C3' 9O4 C 12 6.32 -9.45 -13.78
C4' 9O4 C 12 6.92 -8.58 -14.89
C8 9O4 C 12 6.21 -6.96 -11.56
N1 9O4 C 12 8.40 -3.60 -10.28
N3 9O4 C 12 9.59 -5.35 -11.68
N6 9O4 C 12 6.28 -3.45 -9.52
N7 9O4 C 12 6.02 -5.95 -10.91
N9 9O4 C 12 7.38 -7.00 -11.96
O1P 9O4 C 12 2.53 -9.14 -13.88
O2P 9O4 C 12 3.98 -10.38 -15.36
O3' 9O4 C 12 5.00 -9.00 -13.50
O4' 9O4 C 12 7.91 -7.68 -14.19
P 9O4 C 12 3.83 -9.13 -14.59
MG MG D . -0.96 -14.60 -16.70
S SO4 E . 2.34 -19.61 -4.84
O1 SO4 E . 2.95 -18.29 -4.70
O2 SO4 E . 2.64 -20.15 -6.17
O3 SO4 E . 2.89 -20.51 -3.82
O4 SO4 E . 0.89 -19.51 -4.67
P FA2 F . 8.60 -13.60 -8.50
OP1 FA2 F . 7.44 -13.53 -7.59
OP2 FA2 F . 8.51 -14.82 -9.34
O3' FA2 F . 8.62 -12.32 -9.45
N9 FA2 F . 9.50 -8.59 -8.20
C4 FA2 F . 9.91 -7.30 -7.80
N3 FA2 F . 11.02 -6.29 -7.89
C2 FA2 F . 10.52 -5.11 -7.05
N1 FA2 F . 9.34 -5.09 -6.43
C6 FA2 F . 8.55 -5.91 -6.41
N6 FA2 F . 7.31 -5.69 -5.66
C5 FA2 F . 8.71 -6.90 -6.98
N7 FA2 F . 7.88 -8.08 -7.11
C8 FA2 F . 8.38 -8.95 -7.80
C2' FA2 F . 10.12 -10.81 -8.55
C4' FA2 F . 9.70 -10.72 -10.94
O4' FA2 F . 9.89 -9.31 -10.43
C1' FA2 F . 10.32 -9.44 -9.03
C3' FA2 F . 9.84 -11.61 -9.70
O2' FA2 F . 11.15 -11.19 -8.11
#